data_6IH3
#
_entry.id   6IH3
#
_cell.length_a   97.770
_cell.length_b   122.584
_cell.length_c   61.662
_cell.angle_alpha   90.00
_cell.angle_beta   90.00
_cell.angle_gamma   90.00
#
_symmetry.space_group_name_H-M   'P 21 21 2'
#
loop_
_entity.id
_entity.type
_entity.pdbx_description
1 polymer 'Phosphite dehydrogenase'
2 non-polymer '[[(2S,3S,4R,5S)-5-(3-aminocarbonylpyridin-1-ium-1-yl)-3,4-bis(oxidanyl)oxolan-2-yl]methoxy-oxidanyl-phosphoryl] [(2S,3S,4R,5S)-5-(4-azanyl-2-oxidanylidene-pyrimidin-1-yl)-3,4-bis(oxidanyl)oxolan-2-yl]methyl hydrogen phosphate'
3 water water
#
_entity_poly.entity_id   1
_entity_poly.type   'polypeptide(L)'
_entity_poly.pdbx_seq_one_letter_code
;MKPKVVLTHWVHPEIIELLSASADVIPNTTRETLPRSEVIARAKDADALMAFMPDSIDSAFLEECPKLRVIGAALKGYDN
FDVNACTRHGVWLTIVPDLLTIPTAELTIGLLLGLTRHMLEGDRQIRSGHFQGWRPTLYGSGLTGKTLGIIGMGAVGRAI
AQRLAGFEMNLLYCDPIPLNAEQEKAWHVQRVTLDELLEKCDYVVPMVPMAAETLHLIDATALAKMKTGSYLINACRGSV
VDENAVIAALASGKLAGYAADVFEMEEWIRADRPQAIPKALLDNTAQTFFTPHLGSAVKEVRLEIERQAAMNIIQALAGE
KPMGAINQPYPGVKAA
;
_entity_poly.pdbx_strand_id   A,B
#
loop_
_chem_comp.id
_chem_comp.type
_chem_comp.name
_chem_comp.formula
A7R non-polymer '[[(2S,3S,4R,5S)-5-(3-aminocarbonylpyridin-1-ium-1-yl)-3,4-bis(oxidanyl)oxolan-2-yl]methoxy-oxidanyl-phosphoryl] [(2S,3S,4R,5S)-5-(4-azanyl-2-oxidanylidene-pyrimidin-1-yl)-3,4-bis(oxidanyl)oxolan-2-yl]methyl hydrogen phosphate' 'C20 H28 N5 O15 P2 1'
#
# COMPACT_ATOMS: atom_id res chain seq x y z
N MET A 1 -29.00 -17.29 -10.81
CA MET A 1 -28.80 -15.95 -11.36
C MET A 1 -27.51 -15.35 -10.83
N LYS A 2 -26.78 -14.63 -11.68
CA LYS A 2 -25.54 -14.02 -11.24
C LYS A 2 -25.84 -12.85 -10.31
N PRO A 3 -24.97 -12.59 -9.33
CA PRO A 3 -25.06 -11.32 -8.60
C PRO A 3 -24.85 -10.16 -9.55
N LYS A 4 -25.34 -8.98 -9.16
CA LYS A 4 -25.20 -7.76 -9.96
C LYS A 4 -24.19 -6.85 -9.29
N VAL A 5 -23.33 -6.22 -10.12
CA VAL A 5 -22.35 -5.25 -9.64
C VAL A 5 -22.58 -3.94 -10.38
N VAL A 6 -22.67 -2.85 -9.63
CA VAL A 6 -22.85 -1.52 -10.19
C VAL A 6 -21.53 -0.78 -10.07
N LEU A 7 -21.09 -0.17 -11.17
CA LEU A 7 -19.89 0.67 -11.17
C LEU A 7 -20.34 2.11 -11.32
N THR A 8 -20.01 2.97 -10.35
CA THR A 8 -20.58 4.31 -10.40
C THR A 8 -19.90 5.20 -11.43
N HIS A 9 -18.66 4.90 -11.83
CA HIS A 9 -17.95 5.69 -12.83
C HIS A 9 -17.36 4.79 -13.89
N TRP A 10 -16.92 5.43 -14.98
CA TRP A 10 -16.35 4.74 -16.13
C TRP A 10 -15.14 3.92 -15.70
N VAL A 11 -15.02 2.71 -16.25
CA VAL A 11 -13.86 1.85 -16.02
C VAL A 11 -13.43 1.29 -17.37
N HIS A 12 -12.19 0.81 -17.41
CA HIS A 12 -11.68 0.29 -18.67
C HIS A 12 -12.48 -0.93 -19.08
N PRO A 13 -12.69 -1.12 -20.38
CA PRO A 13 -13.52 -2.25 -20.84
C PRO A 13 -13.04 -3.60 -20.35
N GLU A 14 -11.73 -3.78 -20.19
CA GLU A 14 -11.19 -5.04 -19.67
C GLU A 14 -11.74 -5.34 -18.28
N ILE A 15 -11.92 -4.32 -17.46
CA ILE A 15 -12.42 -4.51 -16.10
C ILE A 15 -13.86 -5.01 -16.13
N ILE A 16 -14.68 -4.46 -17.01
CA ILE A 16 -16.05 -4.95 -17.16
C ILE A 16 -16.04 -6.42 -17.57
N GLU A 17 -15.18 -6.77 -18.53
CA GLU A 17 -15.10 -8.17 -18.96
C GLU A 17 -14.67 -9.07 -17.82
N LEU A 18 -13.66 -8.63 -17.05
CA LEU A 18 -13.19 -9.42 -15.91
C LEU A 18 -14.32 -9.69 -14.93
N LEU A 19 -15.09 -8.66 -14.58
CA LEU A 19 -16.18 -8.85 -13.62
C LEU A 19 -17.31 -9.68 -14.19
N SER A 20 -17.47 -9.66 -15.51
CA SER A 20 -18.63 -10.29 -16.18
C SER A 20 -18.67 -11.81 -15.98
N ALA A 21 -17.53 -12.44 -15.71
CA ALA A 21 -17.52 -13.89 -15.53
C ALA A 21 -18.36 -14.31 -14.34
N SER A 22 -18.31 -13.56 -13.25
CA SER A 22 -19.01 -13.94 -12.03
C SER A 22 -20.18 -13.03 -11.67
N ALA A 23 -20.43 -11.97 -12.44
CA ALA A 23 -21.49 -11.03 -12.11
C ALA A 23 -22.04 -10.40 -13.38
N ASP A 24 -23.29 -9.96 -13.32
CA ASP A 24 -23.85 -9.08 -14.34
C ASP A 24 -23.46 -7.66 -14.00
N VAL A 25 -22.81 -6.96 -14.93
CA VAL A 25 -22.20 -5.67 -14.67
C VAL A 25 -23.11 -4.57 -15.20
N ILE A 26 -23.33 -3.55 -14.39
CA ILE A 26 -24.06 -2.35 -14.79
C ILE A 26 -23.06 -1.20 -14.74
N PRO A 27 -22.44 -0.85 -15.87
CA PRO A 27 -21.43 0.20 -15.90
C PRO A 27 -22.02 1.58 -16.10
N ASN A 28 -21.21 2.59 -15.77
CA ASN A 28 -21.45 3.96 -16.17
C ASN A 28 -20.74 4.16 -17.51
N THR A 29 -21.50 4.23 -18.59
CA THR A 29 -20.88 4.30 -19.91
C THR A 29 -20.38 5.70 -20.27
N THR A 30 -20.56 6.69 -19.40
CA THR A 30 -20.13 8.05 -19.64
C THR A 30 -18.96 8.39 -18.72
N ARG A 31 -18.29 9.51 -19.03
CA ARG A 31 -17.20 10.01 -18.20
C ARG A 31 -17.68 10.98 -17.13
N GLU A 32 -18.97 10.98 -16.83
CA GLU A 32 -19.56 11.91 -15.89
C GLU A 32 -19.96 11.20 -14.60
N THR A 33 -20.10 12.00 -13.56
CA THR A 33 -20.66 11.49 -12.32
C THR A 33 -22.17 11.48 -12.44
N LEU A 34 -22.79 10.35 -12.10
CA LEU A 34 -24.24 10.28 -12.06
C LEU A 34 -24.76 10.93 -10.78
N PRO A 35 -25.94 11.52 -10.80
CA PRO A 35 -26.51 12.03 -9.55
C PRO A 35 -26.73 10.89 -8.57
N ARG A 36 -26.66 11.23 -7.27
CA ARG A 36 -26.80 10.22 -6.23
C ARG A 36 -28.10 9.41 -6.40
N SER A 37 -29.18 10.07 -6.81
CA SER A 37 -30.46 9.38 -6.97
C SER A 37 -30.37 8.28 -8.04
N GLU A 38 -29.57 8.51 -9.08
CA GLU A 38 -29.43 7.49 -10.11
C GLU A 38 -28.50 6.37 -9.67
N VAL A 39 -27.41 6.69 -8.95
CA VAL A 39 -26.56 5.63 -8.38
C VAL A 39 -27.38 4.72 -7.48
N ILE A 40 -28.19 5.30 -6.60
CA ILE A 40 -28.98 4.49 -5.68
C ILE A 40 -29.99 3.64 -6.44
N ALA A 41 -30.65 4.23 -7.43
CA ALA A 41 -31.59 3.46 -8.26
C ALA A 41 -30.93 2.22 -8.88
N ARG A 42 -29.73 2.39 -9.44
CA ARG A 42 -29.04 1.22 -10.02
C ARG A 42 -28.60 0.25 -8.95
N ALA A 43 -28.17 0.74 -7.79
CA ALA A 43 -27.62 -0.13 -6.77
C ALA A 43 -28.67 -0.79 -5.87
N LYS A 44 -29.95 -0.42 -5.98
CA LYS A 44 -30.94 -0.90 -5.00
C LYS A 44 -31.01 -2.42 -4.93
N ASP A 45 -30.84 -3.10 -6.05
CA ASP A 45 -30.84 -4.56 -6.03
C ASP A 45 -29.47 -5.14 -6.41
N ALA A 46 -28.40 -4.38 -6.22
CA ALA A 46 -27.04 -4.85 -6.51
C ALA A 46 -26.47 -5.63 -5.35
N ASP A 47 -25.65 -6.64 -5.66
CA ASP A 47 -24.87 -7.35 -4.65
C ASP A 47 -23.52 -6.70 -4.39
N ALA A 48 -23.04 -5.87 -5.30
CA ALA A 48 -21.71 -5.29 -5.18
C ALA A 48 -21.73 -3.93 -5.84
N LEU A 49 -20.83 -3.06 -5.38
CA LEU A 49 -20.71 -1.71 -5.89
C LEU A 49 -19.24 -1.37 -5.96
N MET A 50 -18.79 -0.82 -7.09
CA MET A 50 -17.48 -0.21 -7.17
C MET A 50 -17.67 1.29 -7.00
N ALA A 51 -17.07 1.84 -5.95
CA ALA A 51 -17.30 3.22 -5.57
C ALA A 51 -16.04 4.03 -5.84
N PHE A 52 -16.23 5.32 -6.09
CA PHE A 52 -15.17 6.24 -6.43
C PHE A 52 -15.29 7.46 -5.53
N MET A 53 -14.41 8.43 -5.74
CA MET A 53 -14.36 9.59 -4.87
C MET A 53 -15.70 10.32 -4.73
N PRO A 54 -16.49 10.55 -5.78
CA PRO A 54 -17.74 11.30 -5.60
C PRO A 54 -18.83 10.56 -4.84
N ASP A 55 -18.65 9.28 -4.54
CA ASP A 55 -19.70 8.54 -3.83
C ASP A 55 -19.61 8.79 -2.33
N SER A 56 -20.77 9.01 -1.71
CA SER A 56 -20.86 9.16 -0.26
C SER A 56 -21.70 8.00 0.27
N ILE A 57 -21.05 7.02 0.87
CA ILE A 57 -21.72 5.81 1.33
C ILE A 57 -22.05 5.99 2.81
N ASP A 58 -23.28 6.39 3.10
CA ASP A 58 -23.74 6.59 4.46
C ASP A 58 -24.83 5.57 4.77
N SER A 59 -25.40 5.68 5.97
CA SER A 59 -26.45 4.76 6.38
C SER A 59 -27.66 4.85 5.47
N ALA A 60 -28.00 6.07 5.01
CA ALA A 60 -29.15 6.22 4.12
C ALA A 60 -28.94 5.49 2.80
N PHE A 61 -27.73 5.60 2.23
CA PHE A 61 -27.41 4.85 1.02
C PHE A 61 -27.56 3.35 1.26
N LEU A 62 -26.97 2.85 2.34
CA LEU A 62 -27.01 1.41 2.60
C LEU A 62 -28.44 0.93 2.84
N GLU A 63 -29.28 1.73 3.48
CA GLU A 63 -30.67 1.32 3.68
C GLU A 63 -31.41 1.12 2.37
N GLU A 64 -31.03 1.88 1.33
CA GLU A 64 -31.67 1.73 0.03
C GLU A 64 -31.21 0.49 -0.72
N CYS A 65 -30.10 -0.14 -0.30
CA CYS A 65 -29.48 -1.24 -1.04
C CYS A 65 -29.34 -2.46 -0.14
N PRO A 66 -30.44 -3.18 0.12
CA PRO A 66 -30.40 -4.27 1.11
C PRO A 66 -29.67 -5.52 0.65
N LYS A 67 -29.36 -5.66 -0.64
CA LYS A 67 -28.66 -6.84 -1.14
C LYS A 67 -27.14 -6.68 -1.15
N LEU A 68 -26.63 -5.48 -0.90
CA LEU A 68 -25.20 -5.23 -1.01
C LEU A 68 -24.41 -6.12 -0.08
N ARG A 69 -23.38 -6.77 -0.62
CA ARG A 69 -22.45 -7.55 0.18
C ARG A 69 -21.04 -7.00 0.21
N VAL A 70 -20.65 -6.20 -0.77
CA VAL A 70 -19.30 -5.65 -0.80
C VAL A 70 -19.34 -4.31 -1.53
N ILE A 71 -18.60 -3.35 -1.02
CA ILE A 71 -18.27 -2.13 -1.74
C ILE A 71 -16.77 -2.17 -1.98
N GLY A 72 -16.38 -2.32 -3.25
CA GLY A 72 -14.99 -2.22 -3.63
C GLY A 72 -14.67 -0.78 -3.99
N ALA A 73 -14.03 -0.06 -3.09
CA ALA A 73 -13.72 1.34 -3.35
C ALA A 73 -12.48 1.42 -4.21
N ALA A 74 -12.56 2.17 -5.31
CA ALA A 74 -11.41 2.41 -6.16
C ALA A 74 -10.62 3.61 -5.65
N LEU A 75 -10.30 3.58 -4.36
CA LEU A 75 -9.74 4.72 -3.63
C LEU A 75 -8.82 4.20 -2.55
N LYS A 76 -7.97 5.10 -2.05
CA LYS A 76 -7.16 4.88 -0.85
C LYS A 76 -7.85 5.46 0.41
N GLY A 77 -8.25 6.71 0.36
CA GLY A 77 -8.84 7.36 1.52
C GLY A 77 -10.35 7.18 1.56
N TYR A 78 -10.85 6.66 2.69
CA TYR A 78 -12.26 6.28 2.82
C TYR A 78 -13.05 7.24 3.71
N ASP A 79 -12.69 8.53 3.69
CA ASP A 79 -13.39 9.53 4.51
C ASP A 79 -14.87 9.62 4.15
N ASN A 80 -15.22 9.33 2.91
CA ASN A 80 -16.59 9.48 2.41
C ASN A 80 -17.45 8.24 2.67
N PHE A 81 -16.95 7.28 3.44
CA PHE A 81 -17.69 6.07 3.77
C PHE A 81 -17.94 6.02 5.27
N ASP A 82 -19.14 5.58 5.65
CA ASP A 82 -19.44 5.28 7.06
C ASP A 82 -19.14 3.80 7.25
N VAL A 83 -17.91 3.50 7.70
CA VAL A 83 -17.44 2.11 7.78
C VAL A 83 -18.29 1.31 8.75
N ASN A 84 -18.53 1.87 9.94
CA ASN A 84 -19.34 1.15 10.93
C ASN A 84 -20.74 0.86 10.39
N ALA A 85 -21.31 1.76 9.58
CA ALA A 85 -22.61 1.47 8.98
C ALA A 85 -22.49 0.32 7.98
N CYS A 86 -21.42 0.30 7.18
CA CYS A 86 -21.19 -0.83 6.30
C CYS A 86 -21.14 -2.12 7.10
N THR A 87 -20.35 -2.14 8.17
CA THR A 87 -20.22 -3.32 9.02
C THR A 87 -21.57 -3.77 9.56
N ARG A 88 -22.33 -2.83 10.12
CA ARG A 88 -23.63 -3.19 10.69
C ARG A 88 -24.60 -3.70 9.63
N HIS A 89 -24.46 -3.25 8.40
CA HIS A 89 -25.31 -3.70 7.30
C HIS A 89 -24.79 -4.96 6.61
N GLY A 90 -23.70 -5.54 7.10
CA GLY A 90 -23.18 -6.76 6.50
C GLY A 90 -22.48 -6.56 5.17
N VAL A 91 -21.78 -5.44 5.01
CA VAL A 91 -21.17 -5.05 3.73
C VAL A 91 -19.67 -4.94 3.92
N TRP A 92 -18.91 -5.76 3.20
CA TRP A 92 -17.46 -5.57 3.13
C TRP A 92 -17.15 -4.19 2.55
N LEU A 93 -16.17 -3.51 3.15
CA LEU A 93 -15.62 -2.30 2.57
C LEU A 93 -14.14 -2.49 2.31
N THR A 94 -13.74 -2.39 1.04
CA THR A 94 -12.36 -2.59 0.64
C THR A 94 -11.80 -1.34 -0.01
N ILE A 95 -10.48 -1.16 0.09
CA ILE A 95 -9.79 -0.02 -0.50
C ILE A 95 -8.61 -0.53 -1.33
N VAL A 96 -7.89 0.40 -1.95
CA VAL A 96 -6.68 0.08 -2.72
C VAL A 96 -5.54 0.91 -2.16
N PRO A 97 -4.46 0.31 -1.69
CA PRO A 97 -3.33 1.07 -1.17
C PRO A 97 -2.28 1.42 -2.23
N ASP A 98 -1.43 2.39 -1.88
CA ASP A 98 -0.14 2.62 -2.52
C ASP A 98 -0.16 3.25 -3.91
N LEU A 99 -1.19 2.96 -4.72
CA LEU A 99 -1.05 3.19 -6.15
C LEU A 99 -1.07 4.66 -6.53
N LEU A 100 -1.62 5.55 -5.69
CA LEU A 100 -1.73 6.96 -6.08
C LEU A 100 -0.46 7.76 -5.82
N THR A 101 0.46 7.22 -5.02
CA THR A 101 1.56 8.01 -4.47
C THR A 101 2.46 8.58 -5.55
N ILE A 102 3.02 7.72 -6.39
CA ILE A 102 4.03 8.15 -7.34
C ILE A 102 3.45 9.09 -8.39
N PRO A 103 2.31 8.79 -9.03
CA PRO A 103 1.80 9.75 -10.03
C PRO A 103 1.46 11.11 -9.43
N THR A 104 1.08 11.15 -8.15
CA THR A 104 0.82 12.43 -7.50
C THR A 104 2.11 13.20 -7.28
N ALA A 105 3.17 12.51 -6.83
CA ALA A 105 4.47 13.14 -6.71
C ALA A 105 4.94 13.68 -8.05
N GLU A 106 4.80 12.87 -9.12
CA GLU A 106 5.22 13.32 -10.45
C GLU A 106 4.43 14.55 -10.89
N LEU A 107 3.11 14.55 -10.68
CA LEU A 107 2.29 15.69 -11.06
C LEU A 107 2.67 16.94 -10.26
N THR A 108 2.99 16.77 -8.97
CA THR A 108 3.37 17.91 -8.15
C THR A 108 4.62 18.60 -8.70
N ILE A 109 5.59 17.81 -9.15
CA ILE A 109 6.79 18.37 -9.76
C ILE A 109 6.45 19.04 -11.09
N GLY A 110 5.52 18.48 -11.85
CA GLY A 110 5.06 19.15 -13.05
C GLY A 110 4.41 20.50 -12.77
N LEU A 111 3.61 20.57 -11.69
CA LEU A 111 3.02 21.86 -11.33
C LEU A 111 4.11 22.84 -10.93
N LEU A 112 5.09 22.38 -10.18
CA LEU A 112 6.20 23.24 -9.78
C LEU A 112 6.91 23.82 -11.00
N LEU A 113 7.29 22.96 -11.94
CA LEU A 113 8.03 23.43 -13.11
C LEU A 113 7.15 24.29 -14.02
N GLY A 114 5.91 23.86 -14.26
CA GLY A 114 5.04 24.64 -15.12
C GLY A 114 4.80 26.04 -14.59
N LEU A 115 4.61 26.16 -13.27
CA LEU A 115 4.31 27.46 -12.66
C LEU A 115 5.54 28.35 -12.63
N THR A 116 6.68 27.83 -12.20
CA THR A 116 7.87 28.66 -12.04
C THR A 116 8.53 29.03 -13.37
N ARG A 117 8.22 28.33 -14.46
CA ARG A 117 8.81 28.64 -15.76
C ARG A 117 7.80 29.27 -16.71
N HIS A 118 6.61 29.66 -16.23
CA HIS A 118 5.62 30.38 -17.04
C HIS A 118 5.23 29.59 -18.29
N MET A 119 5.17 28.27 -18.14
CA MET A 119 5.00 27.43 -19.32
C MET A 119 3.62 27.58 -19.94
N LEU A 120 2.59 27.83 -19.13
CA LEU A 120 1.25 28.00 -19.69
C LEU A 120 1.15 29.26 -20.54
N GLU A 121 1.58 30.39 -19.99
CA GLU A 121 1.61 31.60 -20.81
C GLU A 121 2.52 31.43 -22.02
N GLY A 122 3.60 30.65 -21.86
CA GLY A 122 4.46 30.37 -23.00
C GLY A 122 3.72 29.64 -24.11
N ASP A 123 2.96 28.60 -23.76
CA ASP A 123 2.18 27.90 -24.77
C ASP A 123 1.17 28.83 -25.43
N ARG A 124 0.53 29.69 -24.64
CA ARG A 124 -0.43 30.63 -25.23
C ARG A 124 0.24 31.57 -26.22
N GLN A 125 1.46 32.01 -25.91
CA GLN A 125 2.20 32.87 -26.85
C GLN A 125 2.49 32.12 -28.14
N ILE A 126 2.83 30.84 -28.05
CA ILE A 126 3.08 30.06 -29.26
C ILE A 126 1.81 29.94 -30.09
N ARG A 127 0.68 29.61 -29.44
CA ARG A 127 -0.58 29.43 -30.16
C ARG A 127 -1.09 30.70 -30.82
N SER A 128 -0.65 31.86 -30.34
CA SER A 128 -1.11 33.13 -30.92
C SER A 128 -0.70 33.28 -32.37
N GLY A 129 0.30 32.54 -32.83
CA GLY A 129 0.87 32.71 -34.14
C GLY A 129 1.92 33.79 -34.25
N HIS A 130 2.20 34.53 -33.17
CA HIS A 130 3.12 35.66 -33.25
C HIS A 130 4.56 35.30 -32.89
N PHE A 131 4.88 34.02 -32.68
CA PHE A 131 6.25 33.67 -32.32
C PHE A 131 7.21 34.00 -33.45
N GLN A 132 8.26 34.74 -33.12
CA GLN A 132 9.29 35.12 -34.08
C GLN A 132 10.69 34.92 -33.50
N GLY A 133 10.83 34.11 -32.46
CA GLY A 133 12.11 33.80 -31.87
C GLY A 133 12.18 34.29 -30.43
N TRP A 134 13.37 34.16 -29.87
CA TRP A 134 13.61 34.54 -28.49
C TRP A 134 13.20 36.00 -28.23
N ARG A 135 12.62 36.23 -27.06
CA ARG A 135 12.35 37.57 -26.56
C ARG A 135 12.69 37.61 -25.09
N PRO A 136 13.04 38.79 -24.56
CA PRO A 136 13.34 38.90 -23.12
C PRO A 136 12.08 38.93 -22.26
N THR A 137 11.27 37.86 -22.34
CA THR A 137 10.03 37.76 -21.56
C THR A 137 9.90 36.38 -20.93
N LEU A 138 8.92 36.28 -20.01
CA LEU A 138 8.63 35.05 -19.27
C LEU A 138 9.86 34.52 -18.54
N TYR A 139 10.69 35.41 -18.03
CA TYR A 139 11.77 35.01 -17.16
C TYR A 139 11.19 34.44 -15.87
N GLY A 140 11.55 33.21 -15.53
CA GLY A 140 11.01 32.54 -14.38
C GLY A 140 12.03 32.32 -13.29
N SER A 141 11.72 31.41 -12.38
CA SER A 141 12.60 31.06 -11.27
C SER A 141 13.10 29.64 -11.48
N GLY A 142 14.42 29.44 -11.39
CA GLY A 142 14.98 28.11 -11.55
C GLY A 142 14.95 27.29 -10.27
N LEU A 143 15.27 25.99 -10.39
CA LEU A 143 15.26 25.11 -9.24
C LEU A 143 16.63 25.01 -8.56
N THR A 144 17.69 24.82 -9.34
CA THR A 144 19.01 24.55 -8.75
C THR A 144 19.41 25.72 -7.84
N GLY A 145 19.91 25.39 -6.65
CA GLY A 145 20.28 26.38 -5.67
C GLY A 145 19.15 26.95 -4.84
N LYS A 146 17.89 26.67 -5.17
CA LYS A 146 16.78 27.20 -4.39
C LYS A 146 16.41 26.24 -3.26
N THR A 147 15.59 26.75 -2.34
CA THR A 147 15.19 26.02 -1.14
C THR A 147 13.72 25.61 -1.30
N LEU A 148 13.47 24.30 -1.24
CA LEU A 148 12.12 23.77 -1.32
C LEU A 148 11.79 23.01 -0.04
N GLY A 149 10.61 23.27 0.51
CA GLY A 149 10.20 22.62 1.74
C GLY A 149 8.98 21.74 1.58
N ILE A 150 9.07 20.52 2.09
CA ILE A 150 7.97 19.56 2.06
C ILE A 150 7.38 19.48 3.46
N ILE A 151 6.12 19.90 3.60
CA ILE A 151 5.41 19.81 4.88
C ILE A 151 4.65 18.48 4.88
N GLY A 152 5.13 17.52 5.66
CA GLY A 152 4.57 16.19 5.64
C GLY A 152 5.41 15.27 4.80
N MET A 153 6.31 14.55 5.45
CA MET A 153 7.23 13.62 4.78
C MET A 153 6.71 12.19 4.86
N GLY A 154 5.55 11.97 4.25
CA GLY A 154 4.96 10.65 4.15
C GLY A 154 5.19 10.02 2.80
N ALA A 155 4.22 9.21 2.38
CA ALA A 155 4.38 8.47 1.12
C ALA A 155 4.64 9.42 -0.05
N VAL A 156 3.77 10.40 -0.26
CA VAL A 156 3.98 11.32 -1.39
C VAL A 156 5.19 12.21 -1.14
N GLY A 157 5.33 12.73 0.08
CA GLY A 157 6.50 13.53 0.42
C GLY A 157 7.81 12.81 0.15
N ARG A 158 7.90 11.53 0.52
CA ARG A 158 9.12 10.79 0.26
C ARG A 158 9.33 10.55 -1.24
N ALA A 159 8.23 10.33 -1.97
CA ALA A 159 8.36 10.16 -3.43
C ALA A 159 8.83 11.45 -4.08
N ILE A 160 8.38 12.60 -3.58
CA ILE A 160 8.80 13.89 -4.13
C ILE A 160 10.28 14.13 -3.84
N ALA A 161 10.71 13.91 -2.59
CA ALA A 161 12.10 14.13 -2.19
C ALA A 161 13.05 13.25 -2.98
N GLN A 162 12.69 11.97 -3.17
CA GLN A 162 13.52 11.10 -3.98
C GLN A 162 13.75 11.66 -5.38
N ARG A 163 12.70 12.22 -5.97
CA ARG A 163 12.78 12.72 -7.33
C ARG A 163 13.49 14.09 -7.41
N LEU A 164 13.31 14.95 -6.40
CA LEU A 164 14.01 16.23 -6.44
C LEU A 164 15.46 16.12 -5.99
N ALA A 165 15.87 14.97 -5.45
CA ALA A 165 17.24 14.79 -4.95
C ALA A 165 18.28 15.07 -6.03
N GLY A 166 17.95 14.88 -7.30
CA GLY A 166 18.89 15.11 -8.37
C GLY A 166 18.93 16.52 -8.93
N PHE A 167 18.16 17.45 -8.37
CA PHE A 167 18.00 18.78 -8.94
C PHE A 167 18.89 19.83 -8.29
N GLU A 168 19.82 19.41 -7.43
CA GLU A 168 20.81 20.33 -6.84
C GLU A 168 20.13 21.47 -6.09
N MET A 169 19.06 21.15 -5.37
CA MET A 169 18.35 22.12 -4.56
C MET A 169 18.73 21.95 -3.09
N ASN A 170 18.23 22.86 -2.26
CA ASN A 170 18.33 22.74 -0.82
C ASN A 170 16.97 22.27 -0.31
N LEU A 171 16.87 20.99 0.06
CA LEU A 171 15.58 20.40 0.39
C LEU A 171 15.38 20.35 1.90
N LEU A 172 14.26 20.89 2.37
CA LEU A 172 13.88 20.85 3.78
C LEU A 172 12.57 20.09 3.93
N TYR A 173 12.36 19.52 5.12
CA TYR A 173 11.06 18.96 5.42
C TYR A 173 10.74 19.15 6.89
N CYS A 174 9.44 19.16 7.20
CA CYS A 174 9.00 19.05 8.58
C CYS A 174 7.97 17.94 8.67
N ASP A 175 7.97 17.27 9.83
CA ASP A 175 7.10 16.12 10.08
C ASP A 175 7.33 15.74 11.54
N PRO A 176 6.28 15.43 12.29
CA PRO A 176 6.52 14.90 13.65
C PRO A 176 7.23 13.55 13.65
N ILE A 177 7.26 12.85 12.53
CA ILE A 177 7.98 11.59 12.39
C ILE A 177 9.18 11.83 11.47
N PRO A 178 10.40 11.81 11.98
CA PRO A 178 11.57 12.01 11.12
C PRO A 178 11.91 10.81 10.27
N LEU A 179 12.45 11.09 9.07
CA LEU A 179 13.14 10.06 8.30
C LEU A 179 14.37 9.60 9.06
N ASN A 180 14.88 8.43 8.66
CA ASN A 180 16.11 7.96 9.29
C ASN A 180 17.33 8.56 8.59
N ALA A 181 18.51 8.25 9.12
CA ALA A 181 19.74 8.89 8.63
C ALA A 181 20.05 8.46 7.20
N GLU A 182 19.80 7.20 6.87
CA GLU A 182 20.05 6.73 5.52
C GLU A 182 19.17 7.47 4.50
N GLN A 183 17.90 7.72 4.85
CA GLN A 183 17.00 8.42 3.94
C GLN A 183 17.38 9.89 3.80
N GLU A 184 17.69 10.55 4.91
CA GLU A 184 18.04 11.97 4.82
C GLU A 184 19.31 12.17 4.00
N LYS A 185 20.26 11.25 4.12
CA LYS A 185 21.48 11.33 3.32
C LYS A 185 21.21 10.98 1.85
N ALA A 186 20.36 9.99 1.59
CA ALA A 186 20.08 9.58 0.21
C ALA A 186 19.50 10.73 -0.59
N TRP A 187 18.58 11.49 -0.02
CA TRP A 187 17.91 12.57 -0.73
C TRP A 187 18.42 13.94 -0.34
N HIS A 188 19.41 14.03 0.55
CA HIS A 188 19.93 15.31 1.02
C HIS A 188 18.82 16.23 1.50
N VAL A 189 17.95 15.71 2.37
CA VAL A 189 16.84 16.47 2.92
C VAL A 189 17.12 16.70 4.39
N GLN A 190 16.88 17.93 4.85
CA GLN A 190 17.14 18.30 6.25
C GLN A 190 15.83 18.58 6.97
N ARG A 191 15.68 18.00 8.17
CA ARG A 191 14.50 18.22 8.98
C ARG A 191 14.57 19.56 9.69
N VAL A 192 13.48 20.32 9.64
CA VAL A 192 13.33 21.59 10.33
C VAL A 192 11.93 21.65 10.90
N THR A 193 11.67 22.68 11.71
CA THR A 193 10.31 22.95 12.15
C THR A 193 9.51 23.63 11.04
N LEU A 194 8.18 23.67 11.21
CA LEU A 194 7.33 24.30 10.21
C LEU A 194 7.65 25.79 10.10
N ASP A 195 7.87 26.46 11.23
CA ASP A 195 8.25 27.87 11.19
C ASP A 195 9.57 28.07 10.45
N GLU A 196 10.55 27.21 10.67
CA GLU A 196 11.82 27.35 9.95
C GLU A 196 11.62 27.08 8.46
N LEU A 197 10.78 26.09 8.14
CA LEU A 197 10.47 25.80 6.75
C LEU A 197 9.86 27.01 6.06
N LEU A 198 8.80 27.57 6.65
CA LEU A 198 8.14 28.72 6.03
C LEU A 198 9.09 29.90 5.88
N GLU A 199 10.04 30.04 6.81
CA GLU A 199 10.97 31.17 6.78
C GLU A 199 11.97 31.07 5.63
N LYS A 200 12.49 29.87 5.38
CA LYS A 200 13.65 29.68 4.51
C LYS A 200 13.32 29.35 3.06
N CYS A 201 12.09 28.96 2.75
CA CYS A 201 11.81 28.30 1.47
C CYS A 201 11.45 29.27 0.36
N ASP A 202 11.97 29.00 -0.84
CA ASP A 202 11.47 29.63 -2.06
C ASP A 202 10.20 28.94 -2.54
N TYR A 203 10.09 27.63 -2.31
CA TYR A 203 8.96 26.82 -2.76
C TYR A 203 8.46 26.02 -1.56
N VAL A 204 7.14 26.04 -1.34
CA VAL A 204 6.54 25.32 -0.23
C VAL A 204 5.52 24.32 -0.78
N VAL A 205 5.65 23.07 -0.36
CA VAL A 205 4.83 21.98 -0.89
C VAL A 205 4.17 21.22 0.26
N PRO A 206 2.91 21.52 0.58
CA PRO A 206 2.23 20.79 1.67
C PRO A 206 1.77 19.41 1.19
N MET A 207 2.07 18.39 1.99
CA MET A 207 1.66 17.02 1.70
C MET A 207 1.23 16.31 2.99
N VAL A 208 0.35 16.97 3.74
CA VAL A 208 -0.18 16.41 4.98
C VAL A 208 -1.56 15.84 4.74
N PRO A 209 -2.01 14.90 5.56
CA PRO A 209 -3.42 14.49 5.47
C PRO A 209 -4.30 15.60 6.00
N MET A 210 -5.51 15.68 5.45
CA MET A 210 -6.48 16.62 5.98
C MET A 210 -6.98 16.12 7.32
N ALA A 211 -6.80 16.93 8.35
CA ALA A 211 -7.26 16.63 9.70
C ALA A 211 -7.62 17.94 10.36
N ALA A 212 -8.25 17.85 11.53
CA ALA A 212 -8.62 19.05 12.27
C ALA A 212 -7.44 20.01 12.39
N GLU A 213 -6.25 19.45 12.66
CA GLU A 213 -5.03 20.22 12.89
C GLU A 213 -4.46 20.82 11.61
N THR A 214 -4.83 20.30 10.44
CA THR A 214 -4.30 20.78 9.18
C THR A 214 -5.30 21.57 8.36
N LEU A 215 -6.51 21.77 8.88
CA LEU A 215 -7.47 22.64 8.21
C LEU A 215 -6.92 24.05 8.13
N HIS A 216 -6.80 24.57 6.90
CA HIS A 216 -6.22 25.89 6.65
C HIS A 216 -4.86 26.04 7.30
N LEU A 217 -4.06 24.97 7.25
CA LEU A 217 -2.70 25.01 7.75
C LEU A 217 -1.90 26.12 7.09
N ILE A 218 -2.13 26.36 5.80
CA ILE A 218 -1.51 27.48 5.09
C ILE A 218 -2.57 28.58 5.05
N ASP A 219 -2.55 29.43 6.07
CA ASP A 219 -3.50 30.53 6.22
C ASP A 219 -2.73 31.85 6.12
N ALA A 220 -3.43 32.96 6.39
CA ALA A 220 -2.79 34.26 6.30
C ALA A 220 -1.57 34.35 7.23
N THR A 221 -1.64 33.70 8.40
CA THR A 221 -0.54 33.74 9.33
C THR A 221 0.68 32.97 8.81
N ALA A 222 0.45 31.83 8.15
CA ALA A 222 1.56 31.09 7.58
C ALA A 222 2.14 31.85 6.39
N LEU A 223 1.29 32.41 5.53
CA LEU A 223 1.81 33.13 4.36
C LEU A 223 2.61 34.35 4.79
N ALA A 224 2.23 34.98 5.91
CA ALA A 224 3.00 36.13 6.39
C ALA A 224 4.41 35.74 6.81
N LYS A 225 4.61 34.52 7.29
CA LYS A 225 5.96 34.06 7.60
C LYS A 225 6.77 33.68 6.36
N MET A 226 6.14 33.52 5.21
CA MET A 226 6.88 33.05 4.06
C MET A 226 7.68 34.16 3.41
N LYS A 227 8.66 33.75 2.61
CA LYS A 227 9.52 34.68 1.89
C LYS A 227 8.72 35.40 0.80
N THR A 228 8.90 36.71 0.71
CA THR A 228 8.30 37.48 -0.38
C THR A 228 8.81 36.96 -1.73
N GLY A 229 7.88 36.70 -2.65
CA GLY A 229 8.23 36.13 -3.95
C GLY A 229 8.32 34.61 -3.96
N SER A 230 7.79 33.94 -2.95
CA SER A 230 7.84 32.48 -2.89
C SER A 230 6.68 31.89 -3.69
N TYR A 231 6.74 30.58 -3.89
CA TYR A 231 5.68 29.87 -4.59
C TYR A 231 5.14 28.76 -3.70
N LEU A 232 3.84 28.48 -3.86
CA LEU A 232 3.14 27.46 -3.10
C LEU A 232 2.52 26.48 -4.09
N ILE A 233 2.80 25.19 -3.90
CA ILE A 233 2.33 24.12 -4.78
C ILE A 233 1.45 23.18 -3.96
N ASN A 234 0.19 23.07 -4.32
CA ASN A 234 -0.77 22.34 -3.49
C ASN A 234 -1.39 21.20 -4.28
N ALA A 235 -0.92 19.98 -4.04
CA ALA A 235 -1.59 18.81 -4.58
C ALA A 235 -2.02 17.85 -3.47
N CYS A 236 -2.15 18.34 -2.23
CA CYS A 236 -2.53 17.44 -1.16
C CYS A 236 -4.04 17.40 -1.05
N ARG A 237 -4.64 18.38 -0.38
CA ARG A 237 -6.09 18.35 -0.20
C ARG A 237 -6.62 19.77 -0.13
N GLY A 238 -7.87 19.94 -0.59
CA GLY A 238 -8.39 21.25 -0.93
C GLY A 238 -8.36 22.25 0.20
N SER A 239 -8.70 21.83 1.41
CA SER A 239 -8.86 22.74 2.53
C SER A 239 -7.62 22.82 3.42
N VAL A 240 -6.49 22.21 3.01
CA VAL A 240 -5.26 22.43 3.73
C VAL A 240 -4.74 23.85 3.50
N VAL A 241 -5.16 24.48 2.41
CA VAL A 241 -4.72 25.83 2.05
C VAL A 241 -5.95 26.74 2.08
N ASP A 242 -5.80 27.91 2.70
CA ASP A 242 -6.85 28.93 2.72
C ASP A 242 -6.77 29.71 1.42
N GLU A 243 -7.70 29.46 0.50
CA GLU A 243 -7.58 30.03 -0.84
C GLU A 243 -7.77 31.54 -0.82
N ASN A 244 -8.54 32.07 0.14
CA ASN A 244 -8.73 33.51 0.19
C ASN A 244 -7.46 34.22 0.65
N ALA A 245 -6.71 33.63 1.60
CA ALA A 245 -5.42 34.19 1.98
C ALA A 245 -4.42 34.11 0.84
N VAL A 246 -4.46 33.04 0.04
CA VAL A 246 -3.59 32.94 -1.12
C VAL A 246 -3.88 34.09 -2.08
N ILE A 247 -5.16 34.31 -2.40
CA ILE A 247 -5.55 35.41 -3.28
C ILE A 247 -4.96 36.73 -2.77
N ALA A 248 -4.99 36.95 -1.45
CA ALA A 248 -4.45 38.17 -0.89
C ALA A 248 -2.94 38.23 -1.01
N ALA A 249 -2.27 37.08 -0.83
CA ALA A 249 -0.81 37.05 -0.88
C ALA A 249 -0.29 37.24 -2.30
N LEU A 250 -1.03 36.76 -3.30
CA LEU A 250 -0.66 37.03 -4.68
C LEU A 250 -0.85 38.50 -5.02
N ALA A 251 -1.97 39.09 -4.54
CA ALA A 251 -2.23 40.49 -4.83
C ALA A 251 -1.16 41.40 -4.21
N SER A 252 -0.69 41.07 -3.01
CA SER A 252 0.30 41.90 -2.35
C SER A 252 1.72 41.64 -2.81
N GLY A 253 1.96 40.56 -3.56
CA GLY A 253 3.30 40.18 -3.95
C GLY A 253 4.01 39.24 -3.00
N LYS A 254 3.35 38.81 -1.92
CA LYS A 254 3.98 37.85 -1.02
C LYS A 254 4.25 36.54 -1.74
N LEU A 255 3.27 36.06 -2.51
CA LEU A 255 3.43 34.88 -3.34
C LEU A 255 3.68 35.30 -4.77
N ALA A 256 4.71 34.71 -5.40
CA ALA A 256 4.88 34.91 -6.84
C ALA A 256 3.99 33.97 -7.65
N GLY A 257 3.52 32.89 -7.07
CA GLY A 257 2.60 32.03 -7.79
C GLY A 257 1.99 30.98 -6.88
N TYR A 258 0.89 30.40 -7.37
CA TYR A 258 0.17 29.35 -6.66
C TYR A 258 -0.23 28.31 -7.70
N ALA A 259 0.12 27.04 -7.46
CA ALA A 259 -0.35 25.94 -8.30
C ALA A 259 -1.09 24.93 -7.44
N ALA A 260 -2.14 24.33 -7.99
CA ALA A 260 -2.94 23.42 -7.20
C ALA A 260 -3.60 22.38 -8.07
N ASP A 261 -3.63 21.14 -7.59
CA ASP A 261 -4.43 20.06 -8.17
C ASP A 261 -5.72 19.83 -7.42
N VAL A 262 -5.91 20.50 -6.28
CA VAL A 262 -7.04 20.28 -5.39
C VAL A 262 -7.59 21.62 -4.94
N PHE A 263 -8.87 21.63 -4.55
CA PHE A 263 -9.60 22.87 -4.30
C PHE A 263 -10.54 22.71 -3.12
N GLU A 264 -10.71 23.79 -2.35
CA GLU A 264 -11.62 23.73 -1.19
C GLU A 264 -13.03 23.34 -1.61
N MET A 265 -13.45 23.77 -2.80
CA MET A 265 -14.80 23.52 -3.27
C MET A 265 -15.12 22.04 -3.35
N GLU A 266 -14.12 21.19 -3.53
CA GLU A 266 -14.46 19.78 -3.66
C GLU A 266 -14.59 19.09 -2.30
N GLU A 267 -14.46 19.84 -1.20
CA GLU A 267 -14.60 19.29 0.15
C GLU A 267 -16.06 19.45 0.59
N TRP A 268 -16.90 18.55 0.07
CA TRP A 268 -18.34 18.61 0.32
C TRP A 268 -18.71 18.27 1.77
N ILE A 269 -17.74 17.78 2.56
CA ILE A 269 -18.03 17.36 3.93
C ILE A 269 -18.08 18.52 4.92
N ARG A 270 -17.51 19.67 4.56
CA ARG A 270 -17.53 20.86 5.41
C ARG A 270 -18.72 21.75 5.03
N ALA A 271 -19.33 22.34 6.06
CA ALA A 271 -20.53 23.16 5.85
C ALA A 271 -20.18 24.50 5.22
N ASP A 272 -19.14 25.17 5.71
CA ASP A 272 -18.68 26.44 5.17
C ASP A 272 -17.80 26.13 3.96
N ARG A 273 -18.43 26.06 2.78
CA ARG A 273 -17.77 25.56 1.58
C ARG A 273 -18.31 26.23 0.33
N PRO A 274 -17.44 26.74 -0.54
CA PRO A 274 -17.90 27.35 -1.80
C PRO A 274 -18.10 26.29 -2.88
N GLN A 275 -18.98 26.59 -3.83
CA GLN A 275 -19.29 25.66 -4.90
C GLN A 275 -18.52 25.94 -6.19
N ALA A 276 -17.61 26.91 -6.18
CA ALA A 276 -16.78 27.20 -7.33
C ALA A 276 -15.40 27.63 -6.86
N ILE A 277 -14.41 27.37 -7.71
CA ILE A 277 -13.06 27.90 -7.44
C ILE A 277 -13.11 29.42 -7.53
N PRO A 278 -12.56 30.15 -6.56
CA PRO A 278 -12.68 31.62 -6.56
C PRO A 278 -12.29 32.23 -7.90
N LYS A 279 -13.07 33.22 -8.33
CA LYS A 279 -12.83 33.83 -9.65
C LYS A 279 -11.50 34.55 -9.70
N ALA A 280 -11.02 35.11 -8.59
CA ALA A 280 -9.74 35.80 -8.58
C ALA A 280 -8.59 34.84 -8.85
N LEU A 281 -8.76 33.57 -8.51
CA LEU A 281 -7.75 32.58 -8.88
C LEU A 281 -7.88 32.19 -10.34
N LEU A 282 -9.10 31.95 -10.81
CA LEU A 282 -9.30 31.53 -12.20
C LEU A 282 -8.83 32.61 -13.18
N ASP A 283 -9.08 33.88 -12.86
CA ASP A 283 -8.70 34.95 -13.77
C ASP A 283 -7.20 35.16 -13.83
N ASN A 284 -6.46 34.74 -12.79
CA ASN A 284 -5.04 35.07 -12.66
C ASN A 284 -4.21 34.01 -13.37
N THR A 285 -4.27 34.02 -14.70
CA THR A 285 -3.51 33.08 -15.51
C THR A 285 -2.02 33.35 -15.45
N ALA A 286 -1.62 34.59 -15.15
CA ALA A 286 -0.20 34.92 -15.09
C ALA A 286 0.51 34.24 -13.92
N GLN A 287 -0.19 34.03 -12.80
CA GLN A 287 0.46 33.62 -11.56
C GLN A 287 -0.02 32.28 -11.02
N THR A 288 -0.86 31.55 -11.76
CA THR A 288 -1.40 30.30 -11.26
C THR A 288 -1.32 29.22 -12.33
N PHE A 289 -1.48 27.97 -11.88
CA PHE A 289 -1.42 26.78 -12.70
C PHE A 289 -2.28 25.74 -12.00
N PHE A 290 -3.33 25.27 -12.65
CA PHE A 290 -4.30 24.38 -12.01
C PHE A 290 -4.52 23.14 -12.86
N THR A 291 -4.80 22.03 -12.18
CA THR A 291 -5.26 20.82 -12.81
C THR A 291 -6.46 20.29 -12.03
N PRO A 292 -7.40 19.63 -12.71
CA PRO A 292 -8.64 19.15 -12.07
C PRO A 292 -8.50 17.80 -11.37
N HIS A 293 -7.75 17.81 -10.27
CA HIS A 293 -7.54 16.61 -9.45
C HIS A 293 -7.02 15.44 -10.29
N LEU A 294 -5.90 15.70 -10.97
CA LEU A 294 -5.31 14.72 -11.88
C LEU A 294 -4.18 13.92 -11.23
N GLY A 295 -3.98 14.07 -9.91
CA GLY A 295 -2.93 13.38 -9.18
C GLY A 295 -2.64 11.95 -9.58
N SER A 296 -3.69 11.13 -9.70
CA SER A 296 -3.50 9.75 -10.11
C SER A 296 -4.02 9.48 -11.51
N ALA A 297 -4.21 10.53 -12.31
CA ALA A 297 -4.77 10.42 -13.66
C ALA A 297 -3.74 9.93 -14.67
N VAL A 298 -3.28 8.70 -14.45
CA VAL A 298 -2.38 8.01 -15.36
C VAL A 298 -3.08 6.73 -15.81
N LYS A 299 -3.17 6.53 -17.13
CA LYS A 299 -4.02 5.46 -17.63
C LYS A 299 -3.66 4.12 -16.98
N GLU A 300 -2.37 3.77 -16.95
CA GLU A 300 -1.97 2.47 -16.43
C GLU A 300 -2.25 2.35 -14.94
N VAL A 301 -2.17 3.46 -14.21
CA VAL A 301 -2.43 3.43 -12.78
C VAL A 301 -3.93 3.30 -12.51
N ARG A 302 -4.76 4.05 -13.23
CA ARG A 302 -6.20 3.93 -13.04
C ARG A 302 -6.67 2.50 -13.34
N LEU A 303 -6.09 1.88 -14.36
CA LEU A 303 -6.45 0.49 -14.68
C LEU A 303 -6.12 -0.45 -13.53
N GLU A 304 -4.95 -0.29 -12.90
CA GLU A 304 -4.59 -1.16 -11.78
C GLU A 304 -5.42 -0.87 -10.54
N ILE A 305 -5.83 0.38 -10.34
CA ILE A 305 -6.76 0.69 -9.24
C ILE A 305 -8.09 -0.01 -9.47
N GLU A 306 -8.62 0.09 -10.68
CA GLU A 306 -9.87 -0.56 -11.03
C GLU A 306 -9.75 -2.08 -10.90
N ARG A 307 -8.60 -2.63 -11.30
CA ARG A 307 -8.39 -4.07 -11.18
C ARG A 307 -8.41 -4.51 -9.73
N GLN A 308 -7.76 -3.75 -8.84
CA GLN A 308 -7.76 -4.12 -7.44
C GLN A 308 -9.16 -4.05 -6.85
N ALA A 309 -9.93 -3.00 -7.20
CA ALA A 309 -11.29 -2.91 -6.69
C ALA A 309 -12.14 -4.05 -7.24
N ALA A 310 -11.93 -4.43 -8.51
CA ALA A 310 -12.69 -5.54 -9.08
C ALA A 310 -12.34 -6.85 -8.40
N MET A 311 -11.05 -7.09 -8.13
CA MET A 311 -10.67 -8.35 -7.49
C MET A 311 -11.25 -8.45 -6.08
N ASN A 312 -11.28 -7.33 -5.35
CA ASN A 312 -11.92 -7.33 -4.03
C ASN A 312 -13.38 -7.74 -4.12
N ILE A 313 -14.08 -7.22 -5.13
CA ILE A 313 -15.49 -7.57 -5.32
C ILE A 313 -15.63 -9.05 -5.65
N ILE A 314 -14.81 -9.54 -6.59
CA ILE A 314 -14.86 -10.96 -6.96
C ILE A 314 -14.60 -11.84 -5.75
N GLN A 315 -13.59 -11.48 -4.93
CA GLN A 315 -13.23 -12.27 -3.77
C GLN A 315 -14.36 -12.30 -2.75
N ALA A 316 -14.91 -11.12 -2.44
CA ALA A 316 -16.02 -11.05 -1.49
C ALA A 316 -17.23 -11.84 -1.99
N LEU A 317 -17.58 -11.68 -3.27
CA LEU A 317 -18.75 -12.40 -3.79
C LEU A 317 -18.52 -13.90 -3.81
N ALA A 318 -17.26 -14.33 -3.88
CA ALA A 318 -16.97 -15.77 -3.85
C ALA A 318 -16.95 -16.33 -2.44
N GLY A 319 -17.18 -15.51 -1.42
CA GLY A 319 -17.15 -15.96 -0.05
C GLY A 319 -15.80 -15.86 0.61
N GLU A 320 -14.81 -15.33 -0.08
CA GLU A 320 -13.52 -15.11 0.55
C GLU A 320 -13.54 -13.80 1.33
N LYS A 321 -12.49 -13.60 2.12
CA LYS A 321 -12.24 -12.31 2.75
C LYS A 321 -11.43 -11.47 1.77
N PRO A 322 -11.94 -10.34 1.30
CA PRO A 322 -11.25 -9.60 0.24
C PRO A 322 -9.93 -9.01 0.73
N MET A 323 -8.97 -8.94 -0.19
CA MET A 323 -7.60 -8.56 0.16
C MET A 323 -7.52 -7.15 0.72
N GLY A 324 -8.40 -6.25 0.29
CA GLY A 324 -8.27 -4.87 0.72
C GLY A 324 -9.28 -4.49 1.79
N ALA A 325 -9.90 -5.47 2.42
CA ALA A 325 -10.92 -5.20 3.43
C ALA A 325 -10.34 -4.35 4.54
N ILE A 326 -11.11 -3.35 4.99
CA ILE A 326 -10.77 -2.62 6.21
C ILE A 326 -11.73 -2.93 7.35
N ASN A 327 -12.80 -3.68 7.10
CA ASN A 327 -13.75 -4.01 8.14
C ASN A 327 -14.04 -5.50 8.11
N GLN A 328 -14.99 -5.96 8.94
CA GLN A 328 -15.39 -7.36 8.95
C GLN A 328 -16.90 -7.38 9.18
N PRO A 329 -17.71 -7.63 8.14
CA PRO A 329 -19.17 -7.48 8.22
C PRO A 329 -19.86 -8.52 9.12
N MET B 1 -0.75 -33.60 -29.76
CA MET B 1 0.18 -33.33 -28.68
C MET B 1 -0.48 -32.50 -27.57
N LYS B 2 -0.24 -32.91 -26.32
CA LYS B 2 -0.74 -32.14 -25.19
C LYS B 2 -0.02 -30.79 -25.13
N PRO B 3 -0.65 -29.79 -24.53
CA PRO B 3 0.09 -28.56 -24.21
C PRO B 3 1.17 -28.85 -23.18
N LYS B 4 2.14 -27.94 -23.09
CA LYS B 4 3.27 -28.08 -22.17
C LYS B 4 3.15 -27.06 -21.05
N VAL B 5 3.39 -27.48 -19.82
CA VAL B 5 3.37 -26.58 -18.67
C VAL B 5 4.71 -26.63 -17.96
N VAL B 6 5.28 -25.46 -17.70
CA VAL B 6 6.55 -25.31 -17.03
C VAL B 6 6.25 -24.82 -15.61
N LEU B 7 6.79 -25.52 -14.62
CA LEU B 7 6.65 -25.12 -13.21
C LEU B 7 8.00 -24.56 -12.76
N THR B 8 8.04 -23.28 -12.39
CA THR B 8 9.36 -22.70 -12.12
C THR B 8 9.97 -23.18 -10.82
N HIS B 9 9.16 -23.69 -9.89
CA HIS B 9 9.65 -24.17 -8.61
C HIS B 9 9.04 -25.54 -8.31
N TRP B 10 9.64 -26.22 -7.35
CA TRP B 10 9.22 -27.57 -6.96
C TRP B 10 7.77 -27.56 -6.52
N VAL B 11 7.03 -28.62 -6.89
CA VAL B 11 5.68 -28.82 -6.36
C VAL B 11 5.55 -30.27 -5.89
N HIS B 12 4.49 -30.53 -5.14
CA HIS B 12 4.28 -31.88 -4.64
C HIS B 12 3.95 -32.83 -5.79
N PRO B 13 4.36 -34.11 -5.66
CA PRO B 13 4.17 -35.03 -6.80
C PRO B 13 2.72 -35.20 -7.22
N GLU B 14 1.77 -35.10 -6.29
CA GLU B 14 0.37 -35.20 -6.68
C GLU B 14 -0.08 -34.03 -7.54
N ILE B 15 0.61 -32.88 -7.48
CA ILE B 15 0.25 -31.76 -8.35
C ILE B 15 0.71 -32.03 -9.78
N ILE B 16 1.92 -32.57 -9.92
CA ILE B 16 2.41 -32.96 -11.24
C ILE B 16 1.50 -34.03 -11.83
N GLU B 17 1.04 -34.97 -11.01
CA GLU B 17 0.11 -35.99 -11.48
C GLU B 17 -1.21 -35.38 -11.95
N LEU B 18 -1.73 -34.42 -11.18
CA LEU B 18 -2.96 -33.72 -11.57
C LEU B 18 -2.81 -33.04 -12.92
N LEU B 19 -1.71 -32.31 -13.12
CA LEU B 19 -1.50 -31.61 -14.38
C LEU B 19 -1.22 -32.56 -15.53
N SER B 20 -0.62 -33.72 -15.24
CA SER B 20 -0.22 -34.66 -16.28
C SER B 20 -1.41 -35.18 -17.09
N ALA B 21 -2.61 -35.14 -16.52
CA ALA B 21 -3.78 -35.65 -17.22
C ALA B 21 -4.08 -34.85 -18.48
N SER B 22 -3.83 -33.55 -18.47
CA SER B 22 -4.13 -32.72 -19.62
C SER B 22 -2.94 -31.98 -20.19
N ALA B 23 -1.73 -32.16 -19.63
CA ALA B 23 -0.56 -31.44 -20.08
C ALA B 23 0.68 -32.28 -19.90
N ASP B 24 1.70 -31.99 -20.71
CA ASP B 24 3.05 -32.51 -20.47
C ASP B 24 3.77 -31.54 -19.54
N VAL B 25 4.19 -32.05 -18.38
CA VAL B 25 4.70 -31.22 -17.29
C VAL B 25 6.21 -31.17 -17.35
N ILE B 26 6.77 -29.97 -17.29
CA ILE B 26 8.21 -29.79 -17.13
C ILE B 26 8.48 -29.23 -15.73
N PRO B 27 8.87 -30.06 -14.77
CA PRO B 27 9.00 -29.58 -13.39
C PRO B 27 10.40 -29.06 -13.11
N ASN B 28 10.49 -28.30 -12.03
CA ASN B 28 11.76 -28.03 -11.38
C ASN B 28 11.92 -29.12 -10.32
N THR B 29 12.84 -30.05 -10.56
CA THR B 29 13.03 -31.17 -9.64
C THR B 29 13.75 -30.78 -8.36
N THR B 30 14.35 -29.59 -8.34
CA THR B 30 15.18 -29.12 -7.23
C THR B 30 14.38 -28.15 -6.37
N ARG B 31 14.92 -27.85 -5.17
CA ARG B 31 14.35 -26.82 -4.32
C ARG B 31 14.97 -25.45 -4.57
N GLU B 32 15.68 -25.29 -5.68
CA GLU B 32 16.36 -24.04 -6.02
C GLU B 32 15.53 -23.20 -6.98
N THR B 33 15.80 -21.90 -6.95
CA THR B 33 15.28 -20.99 -7.96
C THR B 33 16.17 -21.04 -9.20
N LEU B 34 15.56 -21.28 -10.37
CA LEU B 34 16.31 -21.29 -11.61
C LEU B 34 16.64 -19.86 -12.04
N PRO B 35 17.78 -19.66 -12.71
CA PRO B 35 18.05 -18.34 -13.28
C PRO B 35 17.01 -18.01 -14.34
N ARG B 36 16.76 -16.71 -14.52
CA ARG B 36 15.76 -16.26 -15.49
C ARG B 36 16.00 -16.86 -16.87
N SER B 37 17.26 -16.98 -17.27
CA SER B 37 17.57 -17.50 -18.60
C SER B 37 17.12 -18.95 -18.76
N GLU B 38 17.17 -19.73 -17.69
CA GLU B 38 16.71 -21.11 -17.77
C GLU B 38 15.19 -21.20 -17.77
N VAL B 39 14.51 -20.36 -16.97
CA VAL B 39 13.05 -20.31 -17.02
C VAL B 39 12.59 -20.01 -18.45
N ILE B 40 13.17 -18.97 -19.06
CA ILE B 40 12.81 -18.64 -20.45
C ILE B 40 13.13 -19.78 -21.39
N ALA B 41 14.27 -20.46 -21.18
CA ALA B 41 14.65 -21.57 -22.04
C ALA B 41 13.63 -22.69 -21.98
N ARG B 42 13.12 -23.00 -20.78
CA ARG B 42 12.07 -23.99 -20.65
C ARG B 42 10.74 -23.49 -21.20
N ALA B 43 10.42 -22.22 -20.96
CA ALA B 43 9.07 -21.73 -21.26
C ALA B 43 8.92 -21.20 -22.68
N LYS B 44 10.00 -21.09 -23.43
CA LYS B 44 9.94 -20.54 -24.81
C LYS B 44 8.86 -21.27 -25.64
N ASP B 45 8.72 -22.55 -25.48
CA ASP B 45 7.69 -23.24 -26.26
C ASP B 45 6.60 -23.83 -25.38
N ALA B 46 6.41 -23.28 -24.18
CA ALA B 46 5.36 -23.76 -23.29
C ALA B 46 4.05 -23.04 -23.57
N ASP B 47 2.94 -23.75 -23.30
CA ASP B 47 1.61 -23.15 -23.34
C ASP B 47 1.21 -22.56 -21.99
N ALA B 48 1.83 -23.01 -20.90
CA ALA B 48 1.44 -22.54 -19.58
C ALA B 48 2.64 -22.51 -18.65
N LEU B 49 2.56 -21.66 -17.64
CA LEU B 49 3.64 -21.50 -16.68
C LEU B 49 3.02 -21.38 -15.29
N MET B 50 3.57 -22.09 -14.31
CA MET B 50 3.18 -21.89 -12.92
C MET B 50 4.28 -21.08 -12.27
N ALA B 51 3.92 -19.89 -11.75
CA ALA B 51 4.88 -18.92 -11.27
C ALA B 51 4.77 -18.79 -9.75
N PHE B 52 5.88 -18.39 -9.12
CA PHE B 52 6.01 -18.34 -7.67
C PHE B 52 6.61 -17.00 -7.29
N MET B 53 6.75 -16.80 -5.98
CA MET B 53 7.28 -15.55 -5.43
C MET B 53 8.55 -15.07 -6.13
N PRO B 54 9.57 -15.91 -6.39
CA PRO B 54 10.80 -15.39 -6.99
C PRO B 54 10.66 -14.99 -8.45
N ASP B 55 9.56 -15.34 -9.12
CA ASP B 55 9.44 -15.03 -10.53
C ASP B 55 9.11 -13.56 -10.75
N SER B 56 9.54 -13.03 -11.88
CA SER B 56 9.13 -11.69 -12.29
C SER B 56 8.89 -11.72 -13.79
N ILE B 57 7.68 -11.36 -14.20
CA ILE B 57 7.23 -11.50 -15.57
C ILE B 57 7.06 -10.11 -16.16
N ASP B 58 7.92 -9.75 -17.09
CA ASP B 58 7.83 -8.46 -17.78
C ASP B 58 7.59 -8.69 -19.27
N SER B 59 7.48 -7.59 -20.01
CA SER B 59 7.23 -7.69 -21.44
C SER B 59 8.32 -8.49 -22.15
N ALA B 60 9.59 -8.29 -21.75
CA ALA B 60 10.70 -8.99 -22.40
C ALA B 60 10.59 -10.50 -22.23
N PHE B 61 10.15 -10.95 -21.05
CA PHE B 61 9.90 -12.37 -20.83
C PHE B 61 8.83 -12.90 -21.78
N LEU B 62 7.68 -12.21 -21.85
CA LEU B 62 6.57 -12.68 -22.67
C LEU B 62 6.92 -12.69 -24.15
N GLU B 63 7.76 -11.75 -24.60
CA GLU B 63 8.16 -11.76 -26.01
C GLU B 63 8.90 -13.05 -26.37
N GLU B 64 9.58 -13.66 -25.40
CA GLU B 64 10.33 -14.87 -25.65
C GLU B 64 9.49 -16.13 -25.57
N CYS B 65 8.22 -16.04 -25.19
CA CYS B 65 7.37 -17.21 -25.00
C CYS B 65 6.09 -17.04 -25.80
N PRO B 66 6.18 -17.13 -27.13
CA PRO B 66 5.02 -16.78 -27.96
C PRO B 66 3.88 -17.77 -27.90
N LYS B 67 4.06 -18.96 -27.34
CA LYS B 67 2.96 -19.92 -27.21
C LYS B 67 2.23 -19.82 -25.87
N LEU B 68 2.72 -19.01 -24.94
CA LEU B 68 2.12 -18.94 -23.60
C LEU B 68 0.67 -18.48 -23.67
N ARG B 69 -0.21 -19.22 -23.00
CA ARG B 69 -1.61 -18.82 -22.90
C ARG B 69 -2.05 -18.49 -21.49
N VAL B 70 -1.35 -19.00 -20.48
CA VAL B 70 -1.77 -18.76 -19.11
C VAL B 70 -0.54 -18.80 -18.21
N ILE B 71 -0.46 -17.85 -17.30
CA ILE B 71 0.46 -17.92 -16.18
C ILE B 71 -0.38 -18.11 -14.94
N GLY B 72 -0.24 -19.27 -14.31
CA GLY B 72 -0.94 -19.51 -13.06
C GLY B 72 -0.02 -19.23 -11.89
N ALA B 73 -0.21 -18.08 -11.24
CA ALA B 73 0.63 -17.72 -10.10
C ALA B 73 0.19 -18.48 -8.85
N ALA B 74 1.14 -19.13 -8.19
CA ALA B 74 0.87 -19.80 -6.91
C ALA B 74 1.05 -18.78 -5.78
N LEU B 75 0.29 -17.68 -5.90
CA LEU B 75 0.48 -16.48 -5.07
C LEU B 75 -0.87 -15.80 -4.95
N LYS B 76 -1.08 -15.15 -3.82
CA LYS B 76 -2.29 -14.38 -3.56
C LYS B 76 -2.19 -12.94 -4.06
N GLY B 77 -1.03 -12.53 -4.57
CA GLY B 77 -0.85 -11.20 -5.11
C GLY B 77 -0.07 -11.26 -6.41
N TYR B 78 0.18 -10.08 -6.99
CA TYR B 78 0.77 -10.07 -8.32
C TYR B 78 1.73 -8.90 -8.53
N ASP B 79 2.40 -8.47 -7.47
CA ASP B 79 3.36 -7.35 -7.57
C ASP B 79 4.48 -7.62 -8.59
N ASN B 80 4.84 -8.88 -8.80
CA ASN B 80 5.98 -9.20 -9.64
C ASN B 80 5.59 -9.46 -11.10
N PHE B 81 4.37 -9.15 -11.50
CA PHE B 81 3.89 -9.38 -12.85
C PHE B 81 3.48 -8.06 -13.49
N ASP B 82 3.90 -7.86 -14.73
CA ASP B 82 3.38 -6.77 -15.55
C ASP B 82 2.05 -7.29 -16.10
N VAL B 83 0.96 -7.02 -15.39
CA VAL B 83 -0.34 -7.58 -15.76
C VAL B 83 -0.77 -7.09 -17.13
N ASN B 84 -0.56 -5.81 -17.42
CA ASN B 84 -1.00 -5.34 -18.72
C ASN B 84 -0.17 -5.90 -19.86
N ALA B 85 1.12 -6.17 -19.63
CA ALA B 85 1.90 -6.87 -20.65
C ALA B 85 1.34 -8.25 -20.91
N CYS B 86 0.98 -8.99 -19.86
CA CYS B 86 0.31 -10.28 -20.07
C CYS B 86 -0.93 -10.11 -20.93
N THR B 87 -1.79 -9.15 -20.58
CA THR B 87 -3.01 -8.91 -21.33
C THR B 87 -2.73 -8.64 -22.81
N ARG B 88 -1.80 -7.72 -23.09
CA ARG B 88 -1.46 -7.38 -24.48
C ARG B 88 -0.87 -8.56 -25.24
N HIS B 89 -0.22 -9.49 -24.56
CA HIS B 89 0.34 -10.66 -25.20
C HIS B 89 -0.64 -11.84 -25.27
N GLY B 90 -1.89 -11.64 -24.85
CA GLY B 90 -2.87 -12.71 -24.93
C GLY B 90 -2.71 -13.79 -23.87
N VAL B 91 -2.21 -13.43 -22.68
CA VAL B 91 -1.84 -14.39 -21.66
C VAL B 91 -2.74 -14.16 -20.45
N TRP B 92 -3.49 -15.20 -20.04
CA TRP B 92 -4.22 -15.14 -18.77
C TRP B 92 -3.24 -15.05 -17.62
N LEU B 93 -3.56 -14.23 -16.62
CA LEU B 93 -2.80 -14.20 -15.38
C LEU B 93 -3.76 -14.50 -14.24
N THR B 94 -3.46 -15.54 -13.45
CA THR B 94 -4.33 -15.97 -12.36
C THR B 94 -3.58 -15.93 -11.03
N ILE B 95 -4.33 -15.72 -9.94
CA ILE B 95 -3.79 -15.81 -8.58
C ILE B 95 -4.62 -16.82 -7.79
N VAL B 96 -4.25 -17.06 -6.54
CA VAL B 96 -4.99 -17.99 -5.68
C VAL B 96 -5.53 -17.20 -4.52
N PRO B 97 -6.50 -17.75 -3.77
CA PRO B 97 -6.97 -17.07 -2.57
C PRO B 97 -5.88 -17.01 -1.50
N ASP B 98 -6.08 -16.09 -0.56
CA ASP B 98 -5.15 -15.90 0.56
C ASP B 98 -5.36 -17.03 1.54
N LEU B 99 -4.42 -17.96 1.59
CA LEU B 99 -4.52 -19.11 2.49
C LEU B 99 -3.48 -19.06 3.59
N LEU B 100 -2.84 -17.91 3.79
CA LEU B 100 -1.65 -17.82 4.62
C LEU B 100 -1.93 -17.44 6.07
N THR B 101 -3.19 -17.09 6.40
CA THR B 101 -3.48 -16.39 7.65
C THR B 101 -3.08 -17.20 8.87
N ILE B 102 -3.60 -18.42 9.00
CA ILE B 102 -3.40 -19.18 10.23
C ILE B 102 -1.96 -19.66 10.38
N PRO B 103 -1.32 -20.27 9.37
CA PRO B 103 0.09 -20.65 9.58
C PRO B 103 0.98 -19.46 9.89
N THR B 104 0.67 -18.27 9.36
CA THR B 104 1.46 -17.09 9.72
C THR B 104 1.26 -16.73 11.19
N ALA B 105 0.01 -16.75 11.66
CA ALA B 105 -0.26 -16.48 13.07
C ALA B 105 0.44 -17.49 13.97
N GLU B 106 0.38 -18.78 13.62
CA GLU B 106 1.06 -19.79 14.42
C GLU B 106 2.56 -19.57 14.46
N LEU B 107 3.17 -19.26 13.31
CA LEU B 107 4.61 -19.02 13.27
C LEU B 107 4.99 -17.80 14.10
N THR B 108 4.15 -16.77 14.08
CA THR B 108 4.44 -15.56 14.87
C THR B 108 4.54 -15.92 16.35
N ILE B 109 3.62 -16.76 16.83
CA ILE B 109 3.67 -17.16 18.24
C ILE B 109 4.87 -18.06 18.52
N GLY B 110 5.23 -18.93 17.56
CA GLY B 110 6.47 -19.68 17.69
C GLY B 110 7.69 -18.79 17.81
N LEU B 111 7.75 -17.73 16.99
CA LEU B 111 8.85 -16.78 17.09
C LEU B 111 8.88 -16.12 18.47
N LEU B 112 7.72 -15.69 18.95
CA LEU B 112 7.63 -15.07 20.27
C LEU B 112 8.19 -15.99 21.36
N LEU B 113 7.71 -17.24 21.40
CA LEU B 113 8.16 -18.15 22.44
C LEU B 113 9.64 -18.51 22.27
N GLY B 114 10.07 -18.81 21.04
CA GLY B 114 11.47 -19.16 20.84
C GLY B 114 12.42 -18.07 21.26
N LEU B 115 12.06 -16.83 20.95
CA LEU B 115 12.93 -15.70 21.28
C LEU B 115 12.95 -15.43 22.78
N THR B 116 11.78 -15.33 23.39
CA THR B 116 11.68 -14.92 24.79
C THR B 116 12.20 -15.99 25.75
N ARG B 117 12.20 -17.27 25.35
CA ARG B 117 12.66 -18.35 26.21
C ARG B 117 14.06 -18.86 25.84
N HIS B 118 14.80 -18.15 24.98
CA HIS B 118 16.19 -18.48 24.67
C HIS B 118 16.31 -19.89 24.13
N MET B 119 15.36 -20.31 23.30
CA MET B 119 15.31 -21.72 22.93
C MET B 119 16.42 -22.10 21.96
N LEU B 120 16.83 -21.17 21.11
CA LEU B 120 17.89 -21.45 20.14
C LEU B 120 19.22 -21.68 20.84
N GLU B 121 19.57 -20.78 21.76
CA GLU B 121 20.78 -20.97 22.56
C GLU B 121 20.68 -22.24 23.41
N GLY B 122 19.49 -22.51 23.95
CA GLY B 122 19.29 -23.76 24.69
C GLY B 122 19.61 -24.99 23.86
N ASP B 123 19.09 -25.02 22.62
CA ASP B 123 19.40 -26.15 21.73
C ASP B 123 20.89 -26.23 21.44
N ARG B 124 21.56 -25.09 21.23
CA ARG B 124 23.00 -25.09 21.03
C ARG B 124 23.73 -25.71 22.21
N GLN B 125 23.31 -25.37 23.43
CA GLN B 125 23.95 -25.93 24.61
C GLN B 125 23.73 -27.43 24.72
N ILE B 126 22.57 -27.92 24.31
CA ILE B 126 22.34 -29.37 24.31
C ILE B 126 23.27 -30.06 23.33
N ARG B 127 23.40 -29.52 22.11
CA ARG B 127 24.22 -30.19 21.11
C ARG B 127 25.72 -30.06 21.37
N SER B 128 26.12 -29.10 22.19
CA SER B 128 27.52 -28.95 22.55
C SER B 128 28.07 -30.14 23.32
N GLY B 129 27.21 -31.05 23.78
CA GLY B 129 27.61 -32.20 24.55
C GLY B 129 27.90 -31.93 26.02
N HIS B 130 27.73 -30.69 26.48
CA HIS B 130 28.15 -30.34 27.83
C HIS B 130 27.00 -30.23 28.82
N PHE B 131 25.77 -30.58 28.42
CA PHE B 131 24.64 -30.54 29.35
C PHE B 131 24.83 -31.59 30.43
N GLN B 132 24.83 -31.16 31.69
CA GLN B 132 24.93 -32.09 32.82
C GLN B 132 23.77 -31.91 33.79
N GLY B 133 22.69 -31.25 33.38
CA GLY B 133 21.53 -31.05 34.20
C GLY B 133 21.15 -29.59 34.30
N TRP B 134 20.08 -29.34 35.04
CA TRP B 134 19.57 -27.98 35.22
C TRP B 134 20.65 -27.07 35.81
N ARG B 135 20.67 -25.82 35.36
CA ARG B 135 21.53 -24.78 35.88
C ARG B 135 20.75 -23.48 35.92
N PRO B 136 21.16 -22.52 36.75
CA PRO B 136 20.50 -21.21 36.78
C PRO B 136 20.92 -20.31 35.62
N THR B 137 20.61 -20.74 34.37
CA THR B 137 20.98 -19.97 33.19
C THR B 137 19.84 -19.97 32.18
N LEU B 138 20.01 -19.13 31.15
CA LEU B 138 19.00 -18.95 30.09
C LEU B 138 17.63 -18.59 30.66
N TYR B 139 17.62 -17.80 31.72
CA TYR B 139 16.36 -17.28 32.22
C TYR B 139 15.77 -16.30 31.21
N GLY B 140 14.51 -16.50 30.82
CA GLY B 140 13.88 -15.65 29.84
C GLY B 140 12.71 -14.85 30.43
N SER B 141 11.83 -14.42 29.54
CA SER B 141 10.63 -13.70 29.91
C SER B 141 9.41 -14.56 29.58
N GLY B 142 8.41 -14.55 30.46
CA GLY B 142 7.22 -15.34 30.28
C GLY B 142 6.08 -14.56 29.63
N LEU B 143 4.99 -15.26 29.32
CA LEU B 143 3.83 -14.63 28.71
C LEU B 143 2.76 -14.25 29.73
N THR B 144 2.40 -15.15 30.63
CA THR B 144 1.29 -14.88 31.55
C THR B 144 1.58 -13.60 32.33
N GLY B 145 0.54 -12.77 32.48
CA GLY B 145 0.65 -11.51 33.17
C GLY B 145 1.30 -10.37 32.39
N LYS B 146 1.92 -10.66 31.25
CA LYS B 146 2.59 -9.62 30.48
C LYS B 146 1.64 -8.99 29.47
N THR B 147 2.04 -7.84 28.91
CA THR B 147 1.23 -7.08 27.99
C THR B 147 1.80 -7.25 26.57
N LEU B 148 0.95 -7.70 25.65
CA LEU B 148 1.32 -7.85 24.26
C LEU B 148 0.36 -7.03 23.40
N GLY B 149 0.92 -6.31 22.43
CA GLY B 149 0.10 -5.48 21.57
C GLY B 149 0.24 -5.83 20.11
N ILE B 150 -0.91 -5.97 19.43
CA ILE B 150 -0.95 -6.24 18.01
C ILE B 150 -1.29 -4.93 17.31
N ILE B 151 -0.40 -4.48 16.42
CA ILE B 151 -0.62 -3.29 15.64
C ILE B 151 -1.25 -3.69 14.32
N GLY B 152 -2.53 -3.35 14.14
CA GLY B 152 -3.29 -3.79 13.00
C GLY B 152 -4.13 -4.98 13.36
N MET B 153 -5.40 -4.97 12.99
CA MET B 153 -6.30 -6.03 13.40
C MET B 153 -7.13 -6.47 12.19
N GLY B 154 -6.42 -6.93 11.18
CA GLY B 154 -7.02 -7.67 10.09
C GLY B 154 -6.97 -9.15 10.37
N ALA B 155 -7.02 -9.93 9.30
CA ALA B 155 -7.20 -11.37 9.43
C ALA B 155 -6.11 -12.02 10.28
N VAL B 156 -4.84 -11.68 10.04
CA VAL B 156 -3.78 -12.34 10.79
C VAL B 156 -3.78 -11.88 12.25
N GLY B 157 -3.94 -10.57 12.48
CA GLY B 157 -4.05 -10.07 13.85
C GLY B 157 -5.15 -10.75 14.63
N ARG B 158 -6.30 -10.99 13.99
CA ARG B 158 -7.39 -11.67 14.66
C ARG B 158 -7.04 -13.12 14.96
N ALA B 159 -6.34 -13.80 14.05
CA ALA B 159 -5.87 -15.16 14.30
C ALA B 159 -4.91 -15.20 15.49
N ILE B 160 -4.00 -14.23 15.58
CA ILE B 160 -3.06 -14.21 16.69
C ILE B 160 -3.79 -13.98 18.01
N ALA B 161 -4.71 -13.00 18.03
CA ALA B 161 -5.42 -12.69 19.27
C ALA B 161 -6.26 -13.89 19.75
N GLN B 162 -6.91 -14.60 18.82
CA GLN B 162 -7.67 -15.78 19.19
C GLN B 162 -6.78 -16.82 19.85
N ARG B 163 -5.58 -17.01 19.33
CA ARG B 163 -4.67 -18.03 19.85
C ARG B 163 -4.01 -17.60 21.14
N LEU B 164 -3.69 -16.31 21.30
CA LEU B 164 -3.12 -15.86 22.57
C LEU B 164 -4.17 -15.65 23.66
N ALA B 165 -5.46 -15.78 23.34
CA ALA B 165 -6.50 -15.51 24.31
C ALA B 165 -6.41 -16.41 25.54
N GLY B 166 -5.85 -17.62 25.39
CA GLY B 166 -5.75 -18.54 26.50
C GLY B 166 -4.52 -18.42 27.36
N PHE B 167 -3.66 -17.44 27.09
CA PHE B 167 -2.35 -17.38 27.72
C PHE B 167 -2.32 -16.45 28.93
N GLU B 168 -3.48 -15.97 29.37
CA GLU B 168 -3.57 -15.14 30.57
C GLU B 168 -2.66 -13.91 30.48
N MET B 169 -2.64 -13.28 29.30
CA MET B 169 -1.91 -12.04 29.08
C MET B 169 -2.85 -10.85 29.12
N ASN B 170 -2.27 -9.66 29.08
CA ASN B 170 -3.00 -8.41 28.85
C ASN B 170 -2.85 -8.08 27.36
N LEU B 171 -3.88 -8.33 26.57
CA LEU B 171 -3.80 -8.15 25.12
C LEU B 171 -4.36 -6.79 24.71
N LEU B 172 -3.57 -6.06 23.94
CA LEU B 172 -3.95 -4.76 23.40
C LEU B 172 -3.89 -4.79 21.88
N TYR B 173 -4.62 -3.87 21.24
CA TYR B 173 -4.48 -3.73 19.80
C TYR B 173 -4.82 -2.31 19.40
N CYS B 174 -4.32 -1.93 18.23
CA CYS B 174 -4.72 -0.66 17.63
C CYS B 174 -5.07 -0.94 16.17
N ASP B 175 -6.07 -0.23 15.69
CA ASP B 175 -6.56 -0.32 14.32
C ASP B 175 -7.54 0.83 14.12
N PRO B 176 -7.53 1.47 12.95
CA PRO B 176 -8.54 2.51 12.71
C PRO B 176 -9.96 1.99 12.81
N ILE B 177 -10.18 0.71 12.57
CA ILE B 177 -11.50 0.13 12.59
C ILE B 177 -11.55 -0.90 13.74
N PRO B 178 -12.49 -0.78 14.66
CA PRO B 178 -12.46 -1.65 15.84
C PRO B 178 -12.99 -3.05 15.54
N LEU B 179 -12.53 -4.00 16.36
CA LEU B 179 -13.13 -5.33 16.40
C LEU B 179 -14.58 -5.27 16.88
N ASN B 180 -15.33 -6.34 16.57
CA ASN B 180 -16.64 -6.54 17.18
C ASN B 180 -16.53 -6.62 18.69
N ALA B 181 -17.62 -6.24 19.37
CA ALA B 181 -17.64 -6.36 20.84
C ALA B 181 -17.59 -7.82 21.27
N GLU B 182 -18.16 -8.74 20.48
CA GLU B 182 -18.09 -10.15 20.83
C GLU B 182 -16.67 -10.68 20.74
N GLN B 183 -15.89 -10.22 19.75
CA GLN B 183 -14.50 -10.65 19.63
C GLN B 183 -13.64 -10.04 20.74
N GLU B 184 -13.88 -8.77 21.07
CA GLU B 184 -13.09 -8.15 22.13
C GLU B 184 -13.32 -8.87 23.46
N LYS B 185 -14.56 -9.28 23.73
CA LYS B 185 -14.83 -10.01 24.97
C LYS B 185 -14.30 -11.43 24.89
N ALA B 186 -14.48 -12.09 23.73
CA ALA B 186 -14.07 -13.48 23.59
C ALA B 186 -12.56 -13.63 23.73
N TRP B 187 -11.79 -12.72 23.16
CA TRP B 187 -10.34 -12.81 23.22
C TRP B 187 -9.72 -11.94 24.31
N HIS B 188 -10.54 -11.20 25.06
CA HIS B 188 -10.05 -10.31 26.12
C HIS B 188 -9.00 -9.33 25.58
N VAL B 189 -9.29 -8.73 24.44
CA VAL B 189 -8.38 -7.81 23.78
C VAL B 189 -8.99 -6.41 23.81
N GLN B 190 -8.16 -5.41 24.11
CA GLN B 190 -8.61 -4.05 24.36
C GLN B 190 -8.02 -3.08 23.34
N ARG B 191 -8.87 -2.25 22.76
CA ARG B 191 -8.42 -1.29 21.75
C ARG B 191 -7.77 -0.09 22.43
N VAL B 192 -6.58 0.29 21.95
CA VAL B 192 -5.86 1.47 22.42
C VAL B 192 -5.30 2.21 21.21
N THR B 193 -4.84 3.44 21.45
CA THR B 193 -4.10 4.13 20.40
C THR B 193 -2.71 3.51 20.25
N LEU B 194 -2.07 3.81 19.11
CA LEU B 194 -0.71 3.32 18.87
C LEU B 194 0.24 3.76 19.97
N ASP B 195 0.17 5.05 20.35
CA ASP B 195 1.03 5.56 21.40
C ASP B 195 0.82 4.82 22.72
N GLU B 196 -0.44 4.59 23.10
CA GLU B 196 -0.71 3.82 24.31
C GLU B 196 -0.15 2.40 24.20
N LEU B 197 -0.30 1.79 23.02
CA LEU B 197 0.20 0.43 22.82
C LEU B 197 1.71 0.37 22.98
N LEU B 198 2.43 1.24 22.28
CA LEU B 198 3.88 1.26 22.40
C LEU B 198 4.33 1.54 23.83
N GLU B 199 3.56 2.36 24.55
CA GLU B 199 3.96 2.71 25.92
C GLU B 199 3.82 1.52 26.88
N LYS B 200 2.78 0.70 26.71
CA LYS B 200 2.42 -0.29 27.71
C LYS B 200 2.94 -1.69 27.44
N CYS B 201 3.42 -1.99 26.24
CA CYS B 201 3.61 -3.38 25.85
C CYS B 201 5.00 -3.90 26.21
N ASP B 202 5.03 -5.09 26.83
CA ASP B 202 6.24 -5.89 26.89
C ASP B 202 6.59 -6.52 25.54
N TYR B 203 5.58 -6.86 24.74
CA TYR B 203 5.76 -7.49 23.44
C TYR B 203 4.97 -6.71 22.39
N VAL B 204 5.60 -6.39 21.26
CA VAL B 204 4.95 -5.62 20.21
C VAL B 204 5.01 -6.43 18.92
N VAL B 205 3.84 -6.63 18.32
CA VAL B 205 3.69 -7.49 17.15
C VAL B 205 3.00 -6.69 16.04
N PRO B 206 3.75 -6.08 15.13
CA PRO B 206 3.11 -5.41 13.99
C PRO B 206 2.55 -6.44 13.02
N MET B 207 1.27 -6.30 12.67
CA MET B 207 0.61 -7.22 11.76
C MET B 207 -0.50 -6.45 11.03
N VAL B 208 -0.10 -5.49 10.20
CA VAL B 208 -1.04 -4.62 9.52
C VAL B 208 -1.55 -5.34 8.29
N PRO B 209 -2.84 -5.26 7.98
CA PRO B 209 -3.35 -5.83 6.72
C PRO B 209 -2.78 -5.07 5.53
N MET B 210 -2.95 -5.69 4.35
CA MET B 210 -2.38 -5.13 3.13
C MET B 210 -2.87 -3.70 2.86
N ALA B 211 -4.09 -3.37 3.25
CA ALA B 211 -4.64 -2.04 2.98
C ALA B 211 -4.02 -0.96 3.86
N ALA B 212 -3.25 -1.32 4.88
CA ALA B 212 -2.72 -0.36 5.85
C ALA B 212 -1.21 -0.40 5.97
N GLU B 213 -0.51 -1.04 5.04
CA GLU B 213 0.94 -1.14 5.12
C GLU B 213 1.57 0.23 4.92
N THR B 214 2.58 0.55 5.74
CA THR B 214 3.33 1.78 5.62
C THR B 214 4.79 1.50 5.93
N LEU B 215 5.68 2.29 5.35
CA LEU B 215 7.10 2.01 5.44
C LEU B 215 7.63 2.44 6.81
N HIS B 216 8.32 1.52 7.48
CA HIS B 216 8.95 1.80 8.76
C HIS B 216 7.94 2.28 9.81
N LEU B 217 6.82 1.56 9.89
CA LEU B 217 5.89 1.76 10.99
C LEU B 217 6.61 1.68 12.34
N ILE B 218 7.54 0.74 12.48
CA ILE B 218 8.40 0.64 13.65
C ILE B 218 9.74 1.25 13.26
N ASP B 219 9.96 2.49 13.67
CA ASP B 219 11.18 3.24 13.39
C ASP B 219 11.78 3.70 14.72
N ALA B 220 12.81 4.56 14.63
CA ALA B 220 13.49 5.04 15.85
C ALA B 220 12.52 5.75 16.78
N THR B 221 11.58 6.50 16.23
CA THR B 221 10.60 7.22 17.06
C THR B 221 9.69 6.26 17.81
N ALA B 222 9.20 5.23 17.12
CA ALA B 222 8.35 4.24 17.77
C ALA B 222 9.13 3.47 18.84
N LEU B 223 10.38 3.09 18.53
CA LEU B 223 11.18 2.30 19.46
C LEU B 223 11.52 3.09 20.72
N ALA B 224 11.66 4.41 20.59
CA ALA B 224 11.91 5.26 21.75
C ALA B 224 10.69 5.38 22.64
N LYS B 225 9.49 5.16 22.10
CA LYS B 225 8.29 5.12 22.91
C LYS B 225 8.09 3.78 23.61
N MET B 226 8.76 2.72 23.16
CA MET B 226 8.49 1.40 23.72
C MET B 226 9.15 1.23 25.08
N LYS B 227 8.70 0.22 25.81
CA LYS B 227 9.26 -0.11 27.12
C LYS B 227 10.67 -0.64 26.97
N THR B 228 11.57 -0.20 27.87
CA THR B 228 12.91 -0.75 27.89
C THR B 228 12.85 -2.21 28.30
N GLY B 229 13.54 -3.07 27.54
CA GLY B 229 13.45 -4.50 27.73
C GLY B 229 12.36 -5.19 26.95
N SER B 230 11.68 -4.46 26.05
CA SER B 230 10.59 -5.06 25.29
C SER B 230 11.14 -5.95 24.16
N TYR B 231 10.23 -6.70 23.55
CA TYR B 231 10.54 -7.57 22.43
C TYR B 231 9.65 -7.20 21.24
N LEU B 232 10.24 -7.29 20.05
CA LEU B 232 9.58 -6.94 18.79
C LEU B 232 9.54 -8.18 17.90
N ILE B 233 8.38 -8.54 17.37
CA ILE B 233 8.26 -9.72 16.54
C ILE B 233 7.64 -9.30 15.21
N ASN B 234 8.35 -9.51 14.11
CA ASN B 234 7.86 -9.11 12.79
C ASN B 234 7.74 -10.30 11.86
N ALA B 235 6.50 -10.77 11.67
CA ALA B 235 6.20 -11.77 10.65
C ALA B 235 5.26 -11.19 9.60
N CYS B 236 5.23 -9.85 9.51
CA CYS B 236 4.28 -9.14 8.68
C CYS B 236 4.88 -8.94 7.30
N ARG B 237 5.75 -7.95 7.16
CA ARG B 237 6.49 -7.71 5.89
C ARG B 237 7.77 -6.95 6.21
N GLY B 238 8.77 -7.11 5.39
CA GLY B 238 10.07 -6.50 5.69
C GLY B 238 10.04 -5.00 5.89
N SER B 239 9.26 -4.30 5.07
CA SER B 239 9.29 -2.84 5.10
C SER B 239 8.63 -2.27 6.36
N VAL B 240 7.93 -3.08 7.14
CA VAL B 240 7.20 -2.56 8.29
C VAL B 240 8.16 -2.10 9.40
N VAL B 241 9.38 -2.62 9.41
CA VAL B 241 10.32 -2.41 10.51
C VAL B 241 11.60 -1.82 9.93
N ASP B 242 12.10 -0.75 10.56
CA ASP B 242 13.38 -0.14 10.23
C ASP B 242 14.47 -0.97 10.91
N GLU B 243 15.08 -1.88 10.17
CA GLU B 243 16.00 -2.83 10.78
C GLU B 243 17.24 -2.15 11.37
N ASN B 244 17.68 -1.03 10.80
CA ASN B 244 18.82 -0.34 11.39
C ASN B 244 18.44 0.36 12.69
N ALA B 245 17.21 0.88 12.81
CA ALA B 245 16.74 1.36 14.11
C ALA B 245 16.71 0.23 15.13
N VAL B 246 16.28 -0.97 14.72
CA VAL B 246 16.26 -2.12 15.64
C VAL B 246 17.66 -2.47 16.11
N ILE B 247 18.64 -2.46 15.21
CA ILE B 247 20.03 -2.74 15.60
C ILE B 247 20.47 -1.79 16.70
N ALA B 248 20.12 -0.51 16.56
CA ALA B 248 20.47 0.49 17.56
C ALA B 248 19.75 0.24 18.88
N ALA B 249 18.49 -0.19 18.82
CA ALA B 249 17.73 -0.43 20.05
C ALA B 249 18.22 -1.67 20.78
N LEU B 250 18.62 -2.71 20.04
CA LEU B 250 19.28 -3.84 20.69
C LEU B 250 20.60 -3.41 21.33
N ALA B 251 21.37 -2.59 20.63
CA ALA B 251 22.67 -2.15 21.15
C ALA B 251 22.51 -1.32 22.42
N SER B 252 21.45 -0.52 22.50
CA SER B 252 21.25 0.36 23.64
C SER B 252 20.58 -0.31 24.82
N GLY B 253 19.95 -1.47 24.60
CA GLY B 253 19.16 -2.11 25.62
C GLY B 253 17.68 -1.77 25.58
N LYS B 254 17.24 -0.90 24.66
CA LYS B 254 15.81 -0.62 24.55
C LYS B 254 15.04 -1.89 24.23
N LEU B 255 15.53 -2.70 23.30
CA LEU B 255 14.94 -3.99 22.96
C LEU B 255 15.74 -5.11 23.59
N ALA B 256 15.04 -6.02 24.27
CA ALA B 256 15.67 -7.25 24.70
C ALA B 256 15.82 -8.25 23.57
N GLY B 257 15.01 -8.13 22.51
CA GLY B 257 15.16 -9.05 21.40
C GLY B 257 14.28 -8.68 20.23
N TYR B 258 14.60 -9.28 19.09
CA TYR B 258 13.89 -9.09 17.82
C TYR B 258 13.80 -10.44 17.13
N ALA B 259 12.61 -10.81 16.71
CA ALA B 259 12.43 -12.00 15.89
C ALA B 259 11.71 -11.60 14.62
N ALA B 260 12.06 -12.25 13.50
CA ALA B 260 11.48 -11.89 12.22
C ALA B 260 11.42 -13.09 11.28
N ASP B 261 10.33 -13.15 10.50
CA ASP B 261 10.18 -14.08 9.38
C ASP B 261 10.37 -13.37 8.04
N VAL B 262 10.48 -12.04 8.03
CA VAL B 262 10.52 -11.24 6.81
C VAL B 262 11.58 -10.17 6.99
N PHE B 263 12.09 -9.64 5.88
CA PHE B 263 13.28 -8.79 5.92
C PHE B 263 13.17 -7.69 4.88
N GLU B 264 13.76 -6.54 5.19
CA GLU B 264 13.72 -5.39 4.28
C GLU B 264 14.35 -5.72 2.93
N MET B 265 15.34 -6.62 2.92
CA MET B 265 15.97 -7.01 1.66
C MET B 265 15.01 -7.70 0.70
N GLU B 266 13.80 -8.04 1.14
CA GLU B 266 12.81 -8.69 0.27
C GLU B 266 11.96 -7.71 -0.54
N GLU B 267 12.12 -6.39 -0.38
CA GLU B 267 11.19 -5.45 -0.99
C GLU B 267 11.70 -5.02 -2.36
N TRP B 268 11.48 -5.90 -3.35
CA TRP B 268 11.99 -5.69 -4.71
C TRP B 268 11.25 -4.60 -5.48
N ILE B 269 10.12 -4.10 -4.97
CA ILE B 269 9.44 -2.98 -5.60
C ILE B 269 9.94 -1.62 -5.09
N ARG B 270 10.45 -1.59 -3.86
CA ARG B 270 11.02 -0.36 -3.29
C ARG B 270 12.41 -0.12 -3.86
N ALA B 271 12.66 1.13 -4.25
CA ALA B 271 13.89 1.45 -4.99
C ALA B 271 15.14 1.31 -4.13
N ASP B 272 15.07 1.71 -2.85
CA ASP B 272 16.24 1.76 -1.98
C ASP B 272 16.36 0.55 -1.07
N ARG B 273 15.96 -0.63 -1.55
CA ARG B 273 16.00 -1.82 -0.72
C ARG B 273 17.44 -2.30 -0.53
N PRO B 274 17.74 -2.96 0.59
CA PRO B 274 19.04 -3.63 0.75
C PRO B 274 19.05 -4.99 0.06
N GLN B 275 20.22 -5.60 0.00
CA GLN B 275 20.33 -6.93 -0.59
C GLN B 275 20.95 -7.96 0.35
N ALA B 276 21.11 -7.63 1.62
CA ALA B 276 21.52 -8.59 2.63
C ALA B 276 20.80 -8.27 3.92
N ILE B 277 20.60 -9.28 4.75
CA ILE B 277 20.18 -9.01 6.13
C ILE B 277 21.36 -8.42 6.89
N PRO B 278 21.20 -7.28 7.57
CA PRO B 278 22.36 -6.61 8.18
C PRO B 278 23.19 -7.53 9.05
N LYS B 279 24.52 -7.41 8.92
CA LYS B 279 25.43 -8.31 9.63
C LYS B 279 25.25 -8.22 11.14
N ALA B 280 24.94 -7.03 11.66
CA ALA B 280 24.78 -6.85 13.09
C ALA B 280 23.59 -7.62 13.64
N LEU B 281 22.58 -7.90 12.80
CA LEU B 281 21.48 -8.77 13.23
C LEU B 281 21.86 -10.24 13.13
N LEU B 282 22.51 -10.63 12.02
CA LEU B 282 22.90 -12.02 11.84
C LEU B 282 23.85 -12.48 12.94
N ASP B 283 24.78 -11.61 13.33
CA ASP B 283 25.77 -11.99 14.34
C ASP B 283 25.13 -12.15 15.72
N ASN B 284 24.06 -11.42 15.99
CA ASN B 284 23.44 -11.35 17.31
C ASN B 284 22.51 -12.54 17.56
N THR B 285 23.13 -13.72 17.69
CA THR B 285 22.34 -14.92 18.00
C THR B 285 21.74 -14.86 19.40
N ALA B 286 22.33 -14.10 20.31
CA ALA B 286 21.81 -14.05 21.68
C ALA B 286 20.46 -13.35 21.76
N GLN B 287 20.18 -12.40 20.88
CA GLN B 287 18.97 -11.58 21.04
C GLN B 287 18.07 -11.61 19.81
N THR B 288 18.25 -12.55 18.89
CA THR B 288 17.42 -12.60 17.69
C THR B 288 17.02 -14.04 17.40
N PHE B 289 15.96 -14.17 16.59
CA PHE B 289 15.45 -15.47 16.16
C PHE B 289 14.85 -15.22 14.78
N PHE B 290 15.37 -15.87 13.74
CA PHE B 290 14.97 -15.56 12.37
C PHE B 290 14.53 -16.81 11.64
N THR B 291 13.58 -16.64 10.73
CA THR B 291 13.19 -17.74 9.87
C THR B 291 13.08 -17.21 8.43
N PRO B 292 13.41 -18.05 7.46
CA PRO B 292 13.50 -17.60 6.05
C PRO B 292 12.15 -17.59 5.34
N HIS B 293 11.29 -16.66 5.76
CA HIS B 293 9.97 -16.47 5.15
C HIS B 293 9.18 -17.78 5.18
N LEU B 294 9.02 -18.35 6.39
CA LEU B 294 8.35 -19.63 6.55
C LEU B 294 6.91 -19.51 7.00
N GLY B 295 6.35 -18.30 7.02
CA GLY B 295 5.03 -18.09 7.61
C GLY B 295 3.96 -19.02 7.09
N SER B 296 4.02 -19.39 5.82
CA SER B 296 3.06 -20.36 5.29
C SER B 296 3.73 -21.63 4.82
N ALA B 297 4.92 -21.95 5.34
CA ALA B 297 5.63 -23.19 5.01
C ALA B 297 5.05 -24.37 5.79
N VAL B 298 3.79 -24.66 5.50
CA VAL B 298 3.05 -25.78 6.06
C VAL B 298 2.55 -26.63 4.90
N LYS B 299 2.78 -27.96 4.96
CA LYS B 299 2.57 -28.81 3.79
C LYS B 299 1.16 -28.69 3.22
N GLU B 300 0.16 -28.76 4.09
CA GLU B 300 -1.28 -28.68 3.70
C GLU B 300 -1.54 -27.39 2.93
N VAL B 301 -1.00 -26.28 3.40
CA VAL B 301 -1.26 -24.98 2.77
C VAL B 301 -0.54 -24.87 1.43
N ARG B 302 0.74 -25.28 1.41
CA ARG B 302 1.52 -25.24 0.17
C ARG B 302 0.88 -26.11 -0.89
N LEU B 303 0.39 -27.29 -0.50
CA LEU B 303 -0.30 -28.17 -1.44
C LEU B 303 -1.55 -27.53 -2.01
N GLU B 304 -2.36 -26.89 -1.16
CA GLU B 304 -3.61 -26.31 -1.65
C GLU B 304 -3.33 -25.13 -2.58
N ILE B 305 -2.31 -24.34 -2.25
CA ILE B 305 -1.90 -23.25 -3.13
C ILE B 305 -1.52 -23.79 -4.51
N GLU B 306 -0.67 -24.83 -4.53
CA GLU B 306 -0.27 -25.43 -5.81
C GLU B 306 -1.46 -26.00 -6.54
N ARG B 307 -2.38 -26.62 -5.80
CA ARG B 307 -3.55 -27.22 -6.44
C ARG B 307 -4.41 -26.16 -7.12
N GLN B 308 -4.64 -25.03 -6.44
CA GLN B 308 -5.43 -23.95 -7.03
C GLN B 308 -4.74 -23.37 -8.25
N ALA B 309 -3.41 -23.19 -8.19
CA ALA B 309 -2.71 -22.69 -9.38
C ALA B 309 -2.82 -23.68 -10.53
N ALA B 310 -2.66 -24.98 -10.26
CA ALA B 310 -2.80 -25.98 -11.32
C ALA B 310 -4.20 -25.98 -11.93
N MET B 311 -5.25 -25.89 -11.09
CA MET B 311 -6.63 -25.87 -11.60
C MET B 311 -6.86 -24.69 -12.52
N ASN B 312 -6.34 -23.51 -12.15
CA ASN B 312 -6.42 -22.34 -13.03
C ASN B 312 -5.77 -22.60 -14.39
N ILE B 313 -4.57 -23.20 -14.38
CA ILE B 313 -3.89 -23.52 -15.64
C ILE B 313 -4.72 -24.50 -16.45
N ILE B 314 -5.24 -25.54 -15.79
CA ILE B 314 -6.04 -26.54 -16.49
C ILE B 314 -7.27 -25.89 -17.13
N GLN B 315 -7.97 -25.04 -16.37
CA GLN B 315 -9.14 -24.33 -16.88
C GLN B 315 -8.79 -23.47 -18.10
N ALA B 316 -7.71 -22.69 -17.99
CA ALA B 316 -7.35 -21.81 -19.09
C ALA B 316 -6.92 -22.60 -20.32
N LEU B 317 -6.15 -23.67 -20.12
CA LEU B 317 -5.73 -24.48 -21.25
C LEU B 317 -6.92 -25.15 -21.93
N ALA B 318 -7.99 -25.39 -21.18
CA ALA B 318 -9.20 -25.96 -21.80
C ALA B 318 -10.09 -24.90 -22.43
N GLY B 319 -9.65 -23.65 -22.46
CA GLY B 319 -10.43 -22.60 -23.10
C GLY B 319 -11.48 -21.96 -22.22
N GLU B 320 -11.50 -22.24 -20.93
CA GLU B 320 -12.43 -21.58 -20.03
C GLU B 320 -11.80 -20.31 -19.46
N LYS B 321 -12.63 -19.47 -18.86
CA LYS B 321 -12.08 -18.36 -18.09
C LYS B 321 -11.66 -18.91 -16.74
N PRO B 322 -10.38 -18.84 -16.38
CA PRO B 322 -9.93 -19.45 -15.15
C PRO B 322 -10.49 -18.72 -13.94
N MET B 323 -10.78 -19.49 -12.90
CA MET B 323 -11.45 -18.96 -11.70
C MET B 323 -10.65 -17.85 -11.03
N GLY B 324 -9.31 -17.92 -11.07
CA GLY B 324 -8.50 -16.91 -10.40
C GLY B 324 -7.99 -15.78 -11.30
N ALA B 325 -8.57 -15.62 -12.47
CA ALA B 325 -8.09 -14.60 -13.40
C ALA B 325 -8.15 -13.20 -12.78
N ILE B 326 -7.10 -12.42 -13.03
CA ILE B 326 -7.12 -11.00 -12.69
C ILE B 326 -7.12 -10.12 -13.93
N ASN B 327 -7.11 -10.70 -15.12
CA ASN B 327 -7.12 -9.91 -16.34
C ASN B 327 -8.09 -10.54 -17.33
N GLN B 328 -8.21 -9.92 -18.51
CA GLN B 328 -8.99 -10.46 -19.62
C GLN B 328 -8.13 -10.30 -20.87
N PRO B 329 -7.41 -11.35 -21.30
CA PRO B 329 -6.49 -11.16 -22.43
C PRO B 329 -7.20 -10.88 -23.75
C01 A7R C . 2.82 11.63 8.08
C02 A7R C . 2.50 12.47 9.32
C03 A7R C . 2.09 12.27 7.13
C04 A7R C . 1.89 13.80 8.65
C05 A7R C . -1.78 14.13 1.14
C06 A7R C . -1.81 14.26 -0.10
C07 A7R C . -2.79 12.97 1.48
C08 A7R C . -3.30 13.75 -0.61
C09 A7R C . 2.52 11.82 5.80
C10 A7R C . -2.13 11.72 1.55
C11 A7R C . -3.61 13.69 -3.00
C12 A7R C . -2.89 11.78 -1.93
C13 A7R C . -3.60 13.06 -4.25
C14 A7R C . -2.85 11.07 -3.13
C15 A7R C . -3.22 11.73 -4.31
C16 A7R C . -3.99 13.79 -5.56
C17 A7R C . 0.56 15.28 9.94
C18 A7R C . 2.63 16.10 9.33
C19 A7R C . 0.28 16.47 10.60
C20 A7R C . 1.26 17.46 10.57
N01 A7R C . -3.26 13.05 -1.89
N02 A7R C . -3.71 15.20 -5.75
N03 A7R C . 1.74 15.10 9.34
N04 A7R C . 1.06 18.73 11.22
N05 A7R C . 2.39 17.24 9.95
O01 A7R C . 2.36 13.83 7.42
O02 A7R C . -3.83 13.02 0.36
O03 A7R C . 4.26 11.64 7.70
O04 A7R C . 3.58 12.53 10.13
O05 A7R C . -0.39 13.71 1.53
O06 A7R C . -0.74 13.44 -0.67
O07 A7R C . 1.36 11.51 5.07
O08 A7R C . -0.72 11.81 1.28
O09 A7R C . -0.23 10.46 3.44
O10 A7R C . 1.69 8.91 4.21
O11 A7R C . -0.12 9.51 5.78
O12 A7R C . 1.71 10.93 1.67
O13 A7R C . -0.10 9.27 1.16
O14 A7R C . -4.54 13.20 -6.44
O15 A7R C . 3.68 16.01 8.80
P01 A7R C . 0.76 10.01 4.67
P02 A7R C . 0.24 10.58 1.84
#